data_8JIT
#
_entry.id   8JIT
#
_cell.length_a   1.00
_cell.length_b   1.00
_cell.length_c   1.00
_cell.angle_alpha   90.00
_cell.angle_beta   90.00
_cell.angle_gamma   90.00
#
_symmetry.space_group_name_H-M   'P 1'
#
loop_
_entity.id
_entity.type
_entity.pdbx_description
1 polymer 'Guanine nucleotide-binding protein G(s) subunit alpha isoforms short'
2 polymer MEDI0382
3 polymer 'Guanine nucleotide-binding protein G(I)/G(S)/G(T) subunit beta-1'
4 polymer 'Guanine nucleotide-binding protein G(I)/G(S)/G(O) subunit gamma-2'
5 polymer 'Nanobody 35'
6 polymer 'Glucagon receptor'
7 non-polymer 'N-hexadecanoyl-L-glutamic acid'
#
loop_
_entity_poly.entity_id
_entity_poly.type
_entity_poly.pdbx_seq_one_letter_code
_entity_poly.pdbx_strand_id
1 'polypeptide(L)'
;MGCLGNSKTEDQRNEEKAQREANKKIEKQLQKDKQVYRATHRLLLLGAGESGKNTIVKQMRILHVNGFNGEGGEEDPQAA
RSNSDGEKATKVQDIKNNLKEAIETIVAAMSNLVPPVELANPENQFRVDYILSVMNVPDFDFPPEFYEHAKALWEDEGVR
ACYERSNEYQLIDCAQYFLDKIDVIKQADYVPSDQDLLRCRVLTSGIFETKFQVDKVNFHMFDVGAQRDERRKWIQCFND
VTAIIFVVASSSYNMVIREDNQTNRLQAALKLFDSIWNNKWLRDTSVILFLNKQDLLAEKVLAGKSKIEDYFPEFARYTT
PEDATPEPGEDPRVTRAKYFIRDEFLRISTASGDGRHYCYPHFTCAVDTENIRRVFNDCRDIIQRMHLRQYELL
;
A
2 'polypeptide(L)' HSQGTFTSDKSEYLDSERARDFVAWLEAG P
3 'polypeptide(L)'
;MGSLLQSELDQLRQEAEQLKNQIRDARKACADATLSQITNNIDPVGRIQMRTRRTLRGHLAKIYAMHWGTDSRLLVSASQ
DGKLIIWDSYTTNKVHAIPLRSSWVMTCAYAPSGNYVACGGLDNICSIYNLKTREGNVRVSRELAGHTGYLSCCRFLDDN
QIVTSSGDTTCALWDIETGQQTTTFTGHTGDVMSLSLAPDTRLFVSGACDASAKLWDVREGMCRQTFTGHESDINAICFF
PNGNAFATGSDDATCRLFDLRADQELMTYSHDNIICGITSVSFSKSGRLLLAGYDDFNCNVWDALKADRAGVLAGHDNRV
SCLGVTDDGMAVATGSWDSFLKIWN
;
B
4 'polypeptide(L)' ASNNTASIAQARKLVEQLKMEANIDRIKVSKAAADLMAYCEAHAKEDPLLTPVPASENPFREKKFFCAIL C
5 'polypeptide(L)'
;MAQVQLQESGGGLVQPGGSLRLSCAASGFTFSNYKMNWVRQAPGKGLEWVSDISQSGASISYTGSVKGRFTISRDNAKNT
LYLQMNSLKPEDTAVYYCARCPAPFTRDCFDVTSTTYAYRGQGTQVTVSSHHHHHHEPEA
;
N
6 'polypeptide(L)'
;QVMDFLFEKWKLYGDQCHHNLSLLPPPTELVCNRTFDKYSCWPDTPANTTANISCPWYLPWHHKVQHRFVFKRCGPDGQW
VRGPRGQPWRDASQCQMDGEEIEVQKEVAKMYSSFQVMYTVGYSLSLGALLLALAILGGLSKLHCTRNAIHANLFASFVL
KASSVLVIDGLLRTRYSQKIGDDLSVSTWLSDGAVAGCRVAAVFMQYGIVANYCWLLVEGLYLHNLLGLATLPERSFFSL
YLGIGWGAPMLFVVPWAVVKCLFENVQCWTSNDNMGFWWILRFPVFLAILINFFIFVRIVQLLVAKLRARQMHHTDYKFR
LAKSTLTLIPLLGVHEVVFAFVTDEHAQGTLRSAKLFFDLFLSSFQGLLVAVLYCFLNKEVQSELRRRWHRWRLGKVLWE
ERNTS
;
R
#
loop_
_chem_comp.id
_chem_comp.type
_chem_comp.name
_chem_comp.formula
D6M non-polymer 'N-hexadecanoyl-L-glutamic acid' 'C21 H39 N O5'
#
# COMPACT_ATOMS: atom_id res chain seq x y z
N THR A 9 40.62 -6.29 20.29
CA THR A 9 39.65 -5.83 19.31
C THR A 9 40.34 -5.08 18.17
N GLU A 10 41.67 -5.18 18.11
CA GLU A 10 42.42 -4.51 17.05
C GLU A 10 42.03 -5.05 15.68
N ASP A 11 41.89 -6.36 15.55
CA ASP A 11 41.47 -6.94 14.29
C ASP A 11 39.99 -6.71 14.00
N GLN A 12 39.18 -6.53 15.05
CA GLN A 12 37.76 -6.28 14.83
C GLN A 12 37.54 -4.99 14.03
N ARG A 13 38.27 -3.93 14.37
CA ARG A 13 38.07 -2.66 13.70
C ARG A 13 38.40 -2.74 12.21
N ASN A 14 39.50 -3.42 11.86
CA ASN A 14 39.92 -3.49 10.48
C ASN A 14 39.29 -4.64 9.71
N GLU A 15 38.56 -5.54 10.39
CA GLU A 15 37.81 -6.58 9.70
C GLU A 15 36.35 -6.21 9.49
N GLU A 16 35.67 -5.73 10.53
CA GLU A 16 34.27 -5.33 10.38
C GLU A 16 34.14 -4.17 9.40
N LYS A 17 35.08 -3.22 9.45
CA LYS A 17 35.04 -2.11 8.50
C LYS A 17 35.13 -2.61 7.07
N ALA A 18 36.01 -3.58 6.81
CA ALA A 18 36.07 -4.20 5.51
C ALA A 18 34.79 -4.96 5.18
N GLN A 19 34.01 -5.31 6.19
CA GLN A 19 32.72 -5.96 5.97
C GLN A 19 31.62 -4.99 5.59
N ARG A 20 31.85 -3.68 5.77
CA ARG A 20 30.87 -2.68 5.35
C ARG A 20 31.09 -2.21 3.92
N GLU A 21 32.32 -2.33 3.40
CA GLU A 21 32.55 -2.00 2.00
C GLU A 21 31.75 -2.91 1.09
N ALA A 22 31.70 -4.21 1.40
CA ALA A 22 30.90 -5.13 0.62
C ALA A 22 29.42 -4.78 0.70
N ASN A 23 28.95 -4.42 1.90
CA ASN A 23 27.56 -4.02 2.05
C ASN A 23 27.25 -2.79 1.20
N LYS A 24 28.13 -1.80 1.21
CA LYS A 24 27.92 -0.59 0.40
C LYS A 24 27.92 -0.93 -1.08
N LYS A 25 28.84 -1.80 -1.51
CA LYS A 25 28.88 -2.19 -2.91
C LYS A 25 27.61 -2.91 -3.33
N ILE A 26 27.10 -3.80 -2.48
CA ILE A 26 25.85 -4.49 -2.79
C ILE A 26 24.67 -3.52 -2.80
N GLU A 27 24.67 -2.55 -1.88
CA GLU A 27 23.62 -1.54 -1.88
C GLU A 27 23.62 -0.74 -3.17
N LYS A 28 24.81 -0.40 -3.67
CA LYS A 28 24.88 0.35 -4.93
C LYS A 28 24.26 -0.45 -6.07
N GLN A 29 24.58 -1.75 -6.16
CA GLN A 29 24.03 -2.56 -7.24
C GLN A 29 22.52 -2.72 -7.10
N LEU A 30 22.04 -2.92 -5.87
CA LEU A 30 20.60 -3.04 -5.66
C LEU A 30 19.87 -1.76 -6.04
N GLN A 31 20.43 -0.60 -5.67
CA GLN A 31 19.83 0.66 -6.08
C GLN A 31 19.86 0.81 -7.59
N LYS A 32 20.96 0.40 -8.23
CA LYS A 32 21.07 0.54 -9.67
C LYS A 32 20.04 -0.31 -10.40
N ASP A 33 19.85 -1.56 -9.98
CA ASP A 33 18.94 -2.45 -10.68
C ASP A 33 17.49 -2.33 -10.21
N LYS A 34 17.23 -1.63 -9.10
CA LYS A 34 15.84 -1.37 -8.72
C LYS A 34 15.14 -0.50 -9.77
N GLN A 35 15.89 0.40 -10.38
CA GLN A 35 15.32 1.24 -11.41
C GLN A 35 14.83 0.36 -12.54
N VAL A 36 15.68 -0.51 -13.05
CA VAL A 36 15.31 -1.36 -14.17
C VAL A 36 14.17 -2.29 -13.79
N TYR A 37 14.18 -2.80 -12.56
CA TYR A 37 13.09 -3.67 -12.12
C TYR A 37 11.76 -2.92 -12.10
N ARG A 38 11.74 -1.68 -11.64
CA ARG A 38 10.49 -0.92 -11.49
C ARG A 38 9.96 -0.32 -12.75
N ALA A 39 10.78 -0.24 -13.77
CA ALA A 39 10.34 0.40 -14.98
C ALA A 39 9.93 -0.59 -16.03
N THR A 40 10.16 -1.86 -15.79
CA THR A 40 9.73 -2.89 -16.73
C THR A 40 8.40 -3.48 -16.27
N HIS A 41 7.42 -3.52 -17.18
CA HIS A 41 6.15 -4.15 -16.89
C HIS A 41 6.25 -5.66 -17.04
N ARG A 42 5.60 -6.37 -16.14
CA ARG A 42 5.51 -7.82 -16.20
C ARG A 42 4.07 -8.22 -16.54
N LEU A 43 3.93 -9.25 -17.38
CA LEU A 43 2.62 -9.65 -17.87
C LEU A 43 2.57 -11.17 -17.93
N LEU A 44 1.59 -11.77 -17.27
CA LEU A 44 1.35 -13.19 -17.38
C LEU A 44 0.45 -13.47 -18.57
N LEU A 45 0.77 -14.52 -19.32
CA LEU A 45 -0.01 -14.95 -20.48
C LEU A 45 -0.46 -16.37 -20.26
N LEU A 46 -1.75 -16.57 -20.02
CA LEU A 46 -2.33 -17.89 -19.83
C LEU A 46 -3.60 -18.01 -20.64
N GLY A 47 -3.93 -19.25 -21.00
CA GLY A 47 -5.13 -19.53 -21.78
C GLY A 47 -5.64 -20.92 -21.50
N ALA A 48 -6.91 -21.13 -21.85
CA ALA A 48 -7.52 -22.44 -21.63
C ALA A 48 -6.81 -23.52 -22.44
N GLY A 49 -6.46 -23.23 -23.69
CA GLY A 49 -5.78 -24.19 -24.53
C GLY A 49 -6.20 -24.09 -25.99
N GLU A 50 -5.26 -24.33 -26.90
CA GLU A 50 -5.53 -24.27 -28.33
C GLU A 50 -6.12 -22.92 -28.71
N SER A 51 -5.53 -21.85 -28.16
CA SER A 51 -5.99 -20.49 -28.41
C SER A 51 -5.06 -19.69 -29.31
N GLY A 52 -3.81 -20.11 -29.45
CA GLY A 52 -2.87 -19.40 -30.29
C GLY A 52 -2.23 -18.22 -29.57
N LYS A 53 -1.80 -18.44 -28.33
CA LYS A 53 -1.19 -17.38 -27.54
C LYS A 53 0.14 -16.91 -28.10
N ASN A 54 0.77 -17.69 -28.98
CA ASN A 54 2.03 -17.29 -29.60
C ASN A 54 1.86 -16.18 -30.64
N THR A 55 0.63 -15.86 -31.02
CA THR A 55 0.39 -14.88 -32.07
C THR A 55 0.43 -13.45 -31.58
N ILE A 56 0.49 -13.22 -30.27
CA ILE A 56 0.53 -11.85 -29.74
C ILE A 56 1.90 -11.23 -29.95
N VAL A 57 2.94 -11.83 -29.35
CA VAL A 57 4.28 -11.29 -29.52
C VAL A 57 4.78 -11.53 -30.93
N LYS A 58 4.50 -12.69 -31.49
CA LYS A 58 4.94 -13.04 -32.84
C LYS A 58 4.05 -12.37 -33.90
N ILE A 207 9.18 -20.46 -23.76
CA ILE A 207 8.07 -21.11 -23.11
C ILE A 207 7.92 -20.46 -21.75
N PHE A 208 8.80 -19.53 -21.45
CA PHE A 208 8.74 -18.92 -20.17
C PHE A 208 8.99 -17.42 -20.21
N GLU A 209 9.48 -16.91 -21.33
CA GLU A 209 9.81 -15.48 -21.39
C GLU A 209 9.81 -14.90 -22.78
N THR A 210 9.21 -13.73 -22.94
CA THR A 210 9.22 -13.06 -24.21
C THR A 210 9.35 -11.59 -23.94
N LYS A 211 10.56 -11.09 -24.00
CA LYS A 211 10.79 -9.69 -23.71
C LYS A 211 10.62 -8.84 -24.94
N PHE A 212 9.78 -7.82 -24.85
CA PHE A 212 9.57 -6.91 -25.97
C PHE A 212 9.57 -5.48 -25.46
N GLN A 213 9.53 -4.52 -26.40
CA GLN A 213 9.60 -3.11 -26.06
C GLN A 213 8.76 -2.30 -27.02
N VAL A 214 7.98 -1.36 -26.47
CA VAL A 214 7.19 -0.43 -27.27
C VAL A 214 7.30 0.95 -26.64
N ASP A 215 7.58 1.95 -27.48
CA ASP A 215 7.68 3.34 -27.04
C ASP A 215 8.62 3.48 -25.86
N LYS A 216 9.78 2.82 -25.96
CA LYS A 216 10.81 2.88 -24.93
C LYS A 216 10.30 2.38 -23.58
N VAL A 217 9.37 1.42 -23.61
CA VAL A 217 8.86 0.78 -22.41
C VAL A 217 9.00 -0.72 -22.59
N ASN A 218 9.57 -1.40 -21.61
CA ASN A 218 9.88 -2.81 -21.69
C ASN A 218 8.76 -3.64 -21.06
N PHE A 219 8.42 -4.75 -21.70
CA PHE A 219 7.40 -5.67 -21.24
C PHE A 219 7.98 -7.08 -21.18
N HIS A 220 7.73 -7.78 -20.09
CA HIS A 220 8.27 -9.12 -19.92
C HIS A 220 7.09 -10.02 -19.85
N MET A 221 6.85 -10.79 -20.90
CA MET A 221 5.66 -11.61 -20.91
C MET A 221 6.02 -13.01 -20.53
N PHE A 222 5.46 -13.49 -19.45
CA PHE A 222 5.83 -14.79 -18.96
C PHE A 222 4.80 -15.83 -19.25
N ASP A 223 5.12 -16.75 -20.14
CA ASP A 223 4.23 -17.85 -20.42
C ASP A 223 4.41 -18.88 -19.35
N VAL A 224 3.51 -19.83 -19.24
CA VAL A 224 3.52 -20.87 -18.23
C VAL A 224 3.15 -22.21 -18.85
N GLY A 225 3.51 -22.40 -20.12
CA GLY A 225 3.11 -23.57 -20.86
C GLY A 225 3.86 -24.84 -20.55
N ALA A 226 4.74 -24.85 -19.56
CA ALA A 226 5.50 -26.04 -19.18
C ALA A 226 5.16 -26.47 -17.75
N GLN A 227 3.88 -26.43 -17.41
CA GLN A 227 3.41 -26.83 -16.10
C GLN A 227 2.24 -27.79 -16.30
N ARG A 228 1.56 -28.08 -15.20
CA ARG A 228 0.39 -28.96 -15.24
C ARG A 228 -0.88 -28.15 -15.06
N ASP A 229 -2.03 -28.79 -15.01
CA ASP A 229 -3.31 -28.09 -14.94
C ASP A 229 -3.67 -27.44 -13.61
N GLU A 230 -3.09 -27.87 -12.52
CA GLU A 230 -3.49 -27.34 -11.23
C GLU A 230 -2.86 -25.99 -10.96
N ARG A 231 -3.54 -24.91 -11.33
CA ARG A 231 -3.00 -23.58 -11.18
C ARG A 231 -3.27 -22.97 -9.81
N ARG A 232 -3.97 -23.67 -8.92
CA ARG A 232 -4.36 -23.08 -7.64
C ARG A 232 -3.17 -22.82 -6.73
N LYS A 233 -1.99 -23.35 -7.05
CA LYS A 233 -0.81 -23.19 -6.20
C LYS A 233 0.24 -22.27 -6.80
N TRP A 234 0.65 -22.52 -8.04
CA TRP A 234 1.70 -21.72 -8.67
C TRP A 234 1.19 -20.41 -9.23
N ILE A 235 -0.12 -20.18 -9.28
CA ILE A 235 -0.65 -18.92 -9.78
C ILE A 235 -0.55 -17.79 -8.75
N GLN A 236 -0.37 -18.13 -7.47
CA GLN A 236 -0.22 -17.10 -6.45
C GLN A 236 1.04 -16.27 -6.65
N CYS A 237 2.04 -16.81 -7.35
CA CYS A 237 3.28 -16.06 -7.58
C CYS A 237 3.02 -14.79 -8.38
N PHE A 238 2.16 -14.88 -9.39
CA PHE A 238 1.88 -13.74 -10.27
C PHE A 238 0.79 -12.84 -9.68
N ASN A 239 1.02 -12.39 -8.46
CA ASN A 239 0.11 -11.46 -7.81
C ASN A 239 0.54 -10.01 -7.96
N ASP A 240 1.84 -9.75 -8.08
CA ASP A 240 2.37 -8.41 -8.30
C ASP A 240 2.46 -8.05 -9.77
N VAL A 241 2.13 -8.97 -10.68
CA VAL A 241 2.18 -8.67 -12.09
C VAL A 241 1.23 -7.52 -12.41
N THR A 242 1.64 -6.69 -13.37
CA THR A 242 0.85 -5.50 -13.70
C THR A 242 -0.51 -5.90 -14.25
N ALA A 243 -0.56 -6.88 -15.15
CA ALA A 243 -1.80 -7.30 -15.76
C ALA A 243 -1.69 -8.75 -16.18
N ILE A 244 -2.78 -9.51 -16.00
CA ILE A 244 -2.82 -10.91 -16.41
C ILE A 244 -3.50 -10.98 -17.78
N ILE A 245 -2.73 -11.29 -18.80
CA ILE A 245 -3.28 -11.44 -20.15
C ILE A 245 -3.96 -12.80 -20.25
N PHE A 246 -5.24 -12.80 -20.59
CA PHE A 246 -6.06 -14.00 -20.65
C PHE A 246 -6.62 -14.12 -22.06
N VAL A 247 -6.11 -15.07 -22.82
CA VAL A 247 -6.54 -15.30 -24.19
C VAL A 247 -7.50 -16.47 -24.21
N VAL A 248 -8.73 -16.22 -24.63
CA VAL A 248 -9.79 -17.22 -24.65
C VAL A 248 -10.11 -17.54 -26.11
N ALA A 249 -10.01 -18.83 -26.46
CA ALA A 249 -10.34 -19.28 -27.81
C ALA A 249 -11.86 -19.41 -27.92
N SER A 250 -12.44 -18.66 -28.86
CA SER A 250 -13.89 -18.64 -29.02
C SER A 250 -14.46 -19.92 -29.61
N SER A 251 -13.61 -20.84 -30.08
CA SER A 251 -14.08 -22.10 -30.63
C SER A 251 -14.48 -23.07 -29.51
N ASN A 261 -14.35 -34.48 -28.73
CA ASN A 261 -13.99 -33.07 -28.76
C ASN A 261 -13.48 -32.62 -27.41
N GLN A 262 -14.36 -32.02 -26.62
CA GLN A 262 -13.99 -31.54 -25.30
C GLN A 262 -15.25 -31.14 -24.58
N THR A 263 -15.65 -29.89 -24.74
CA THR A 263 -16.86 -29.41 -24.11
C THR A 263 -17.06 -27.95 -24.42
N ASN A 264 -17.96 -27.29 -23.70
CA ASN A 264 -18.16 -25.88 -23.89
C ASN A 264 -16.90 -25.18 -23.44
N ARG A 265 -15.86 -25.24 -24.26
CA ARG A 265 -14.62 -24.54 -23.93
C ARG A 265 -14.90 -23.14 -23.40
N LEU A 266 -15.93 -22.49 -23.90
CA LEU A 266 -16.29 -21.16 -23.41
C LEU A 266 -16.66 -21.22 -21.93
N GLN A 267 -17.40 -22.26 -21.53
CA GLN A 267 -17.76 -22.41 -20.13
C GLN A 267 -16.53 -22.60 -19.25
N ALA A 268 -15.57 -23.42 -19.70
CA ALA A 268 -14.35 -23.62 -18.94
C ALA A 268 -13.56 -22.32 -18.83
N ALA A 269 -13.48 -21.55 -19.93
CA ALA A 269 -12.78 -20.28 -19.89
C ALA A 269 -13.47 -19.31 -18.93
N LEU A 270 -14.80 -19.29 -18.93
CA LEU A 270 -15.52 -18.42 -18.00
C LEU A 270 -15.26 -18.82 -16.57
N LYS A 271 -15.26 -20.13 -16.28
CA LYS A 271 -14.99 -20.58 -14.92
C LYS A 271 -13.58 -20.22 -14.48
N LEU A 272 -12.60 -20.40 -15.36
CA LEU A 272 -11.23 -20.03 -15.02
C LEU A 272 -11.11 -18.53 -14.78
N PHE A 273 -11.76 -17.73 -15.62
CA PHE A 273 -11.72 -16.29 -15.43
C PHE A 273 -12.37 -15.88 -14.12
N ASP A 274 -13.48 -16.51 -13.77
CA ASP A 274 -14.12 -16.23 -12.48
C ASP A 274 -13.20 -16.58 -11.32
N SER A 275 -12.56 -17.75 -11.39
CA SER A 275 -11.66 -18.15 -10.33
C SER A 275 -10.51 -17.17 -10.19
N ILE A 276 -9.95 -16.71 -11.31
CA ILE A 276 -8.89 -15.71 -11.25
C ILE A 276 -9.40 -14.42 -10.65
N TRP A 277 -10.60 -13.99 -11.06
CA TRP A 277 -11.17 -12.74 -10.57
C TRP A 277 -11.49 -12.79 -9.08
N ASN A 278 -11.70 -13.98 -8.52
CA ASN A 278 -12.11 -14.11 -7.12
C ASN A 278 -11.13 -15.02 -6.37
N ASN A 279 -9.84 -14.77 -6.52
CA ASN A 279 -8.81 -15.60 -5.91
C ASN A 279 -8.34 -15.06 -4.56
N LYS A 280 -8.63 -13.82 -4.23
CA LYS A 280 -8.25 -13.22 -2.95
C LYS A 280 -6.76 -12.85 -2.93
N TRP A 281 -6.02 -13.28 -3.96
CA TRP A 281 -4.65 -12.85 -4.16
C TRP A 281 -4.47 -12.08 -5.45
N LEU A 282 -5.11 -12.55 -6.53
CA LEU A 282 -5.16 -11.81 -7.79
C LEU A 282 -6.34 -10.84 -7.76
N ARG A 283 -6.38 -10.05 -6.68
CA ARG A 283 -7.47 -9.11 -6.43
C ARG A 283 -7.15 -7.70 -6.91
N ASP A 284 -5.92 -7.24 -6.68
CA ASP A 284 -5.50 -5.92 -7.14
C ASP A 284 -4.91 -5.95 -8.54
N THR A 285 -4.87 -7.11 -9.19
CA THR A 285 -4.28 -7.23 -10.51
C THR A 285 -5.36 -7.15 -11.57
N SER A 286 -5.15 -6.27 -12.55
CA SER A 286 -6.08 -6.12 -13.66
C SER A 286 -5.95 -7.30 -14.62
N VAL A 287 -6.92 -7.43 -15.51
CA VAL A 287 -6.98 -8.55 -16.43
C VAL A 287 -7.29 -8.02 -17.83
N ILE A 288 -6.32 -8.11 -18.74
CA ILE A 288 -6.60 -7.91 -20.15
C ILE A 288 -7.13 -9.20 -20.74
N LEU A 289 -8.16 -9.09 -21.57
CA LEU A 289 -8.85 -10.26 -22.12
C LEU A 289 -8.82 -10.19 -23.64
N PHE A 290 -8.44 -11.29 -24.28
CA PHE A 290 -8.34 -11.37 -25.72
C PHE A 290 -9.25 -12.50 -26.21
N LEU A 291 -10.37 -12.13 -26.84
CA LEU A 291 -11.29 -13.13 -27.39
C LEU A 291 -10.76 -13.54 -28.76
N ASN A 292 -9.80 -14.48 -28.74
CA ASN A 292 -9.13 -14.89 -29.94
C ASN A 292 -10.07 -15.70 -30.84
N LYS A 293 -9.63 -15.93 -32.07
CA LYS A 293 -10.40 -16.70 -33.04
C LYS A 293 -11.76 -16.05 -33.31
N GLN A 294 -11.81 -14.73 -33.21
CA GLN A 294 -13.05 -14.02 -33.48
C GLN A 294 -13.53 -14.36 -34.88
N ASP A 295 -12.65 -14.21 -35.87
CA ASP A 295 -13.02 -14.53 -37.24
C ASP A 295 -13.30 -16.01 -37.42
N LEU A 296 -12.80 -16.85 -36.51
CA LEU A 296 -13.02 -18.29 -36.63
C LEU A 296 -14.49 -18.65 -36.51
N LEU A 297 -15.23 -17.99 -35.62
CA LEU A 297 -16.64 -18.25 -35.42
C LEU A 297 -17.54 -17.43 -36.35
N ALA A 298 -16.95 -16.71 -37.30
CA ALA A 298 -17.73 -16.02 -38.32
C ALA A 298 -18.37 -16.98 -39.31
N GLU A 299 -17.99 -18.26 -39.27
CA GLU A 299 -18.59 -19.29 -40.11
C GLU A 299 -19.42 -20.29 -39.33
N LYS A 300 -19.08 -20.56 -38.07
CA LYS A 300 -19.86 -21.51 -37.27
C LYS A 300 -21.29 -21.04 -37.09
N VAL A 301 -21.48 -19.74 -36.83
CA VAL A 301 -22.82 -19.20 -36.68
C VAL A 301 -23.60 -19.34 -37.99
N LEU A 302 -22.92 -19.14 -39.12
CA LEU A 302 -23.56 -19.29 -40.42
C LEU A 302 -23.92 -20.73 -40.76
N ALA A 303 -23.40 -21.69 -40.01
CA ALA A 303 -23.66 -23.11 -40.25
C ALA A 303 -24.53 -23.74 -39.18
N GLY A 304 -24.18 -23.58 -37.91
CA GLY A 304 -24.95 -24.12 -36.82
C GLY A 304 -24.49 -25.47 -36.29
N LYS A 305 -23.24 -25.85 -36.52
CA LYS A 305 -22.74 -27.12 -36.01
C LYS A 305 -22.80 -27.15 -34.49
N SER A 306 -22.36 -26.08 -33.84
CA SER A 306 -22.39 -25.94 -32.39
C SER A 306 -22.93 -24.56 -32.04
N LYS A 307 -24.05 -24.19 -32.68
CA LYS A 307 -24.64 -22.88 -32.50
C LYS A 307 -24.68 -22.50 -31.03
N ILE A 308 -24.42 -21.21 -30.76
CA ILE A 308 -24.26 -20.74 -29.39
C ILE A 308 -25.53 -20.97 -28.58
N GLU A 309 -26.69 -20.68 -29.17
CA GLU A 309 -27.94 -20.84 -28.43
C GLU A 309 -28.10 -22.24 -27.89
N ASP A 310 -27.55 -23.24 -28.59
CA ASP A 310 -27.60 -24.61 -28.08
C ASP A 310 -26.85 -24.74 -26.76
N TYR A 311 -25.68 -24.12 -26.66
CA TYR A 311 -24.87 -24.15 -25.44
C TYR A 311 -25.15 -22.97 -24.53
N PHE A 312 -26.01 -22.05 -24.93
CA PHE A 312 -26.32 -20.87 -24.12
C PHE A 312 -27.78 -20.49 -24.36
N PRO A 313 -28.70 -21.00 -23.55
CA PRO A 313 -30.12 -20.67 -23.76
C PRO A 313 -30.39 -19.18 -23.71
N GLU A 314 -29.68 -18.43 -22.86
CA GLU A 314 -29.89 -16.99 -22.78
C GLU A 314 -29.52 -16.26 -24.06
N PHE A 315 -28.79 -16.89 -24.97
CA PHE A 315 -28.40 -16.26 -26.22
C PHE A 315 -29.57 -16.12 -27.19
N ALA A 316 -30.60 -16.97 -27.07
CA ALA A 316 -31.73 -16.91 -27.98
C ALA A 316 -32.56 -15.65 -27.83
N ARG A 317 -32.38 -14.90 -26.74
CA ARG A 317 -33.11 -13.66 -26.53
C ARG A 317 -32.16 -12.47 -26.35
N TYR A 318 -30.89 -12.63 -26.71
CA TYR A 318 -29.91 -11.56 -26.55
C TYR A 318 -30.07 -10.52 -27.65
N THR A 319 -29.91 -9.26 -27.28
CA THR A 319 -29.96 -8.14 -28.21
C THR A 319 -28.59 -7.48 -28.28
N THR A 320 -28.11 -7.25 -29.50
CA THR A 320 -26.80 -6.65 -29.66
C THR A 320 -26.77 -5.26 -29.01
N PRO A 321 -25.69 -4.90 -28.32
CA PRO A 321 -25.66 -3.60 -27.65
C PRO A 321 -25.81 -2.46 -28.63
N GLU A 322 -26.50 -1.40 -28.18
CA GLU A 322 -26.68 -0.23 -29.03
C GLU A 322 -25.36 0.44 -29.38
N ASP A 323 -24.45 0.54 -28.42
CA ASP A 323 -23.15 1.17 -28.63
C ASP A 323 -22.13 0.21 -29.24
N ALA A 324 -22.49 -1.04 -29.46
CA ALA A 324 -21.56 -2.03 -30.00
C ALA A 324 -21.17 -1.63 -31.42
N THR A 325 -19.93 -1.20 -31.60
CA THR A 325 -19.46 -0.85 -32.93
C THR A 325 -19.26 -2.11 -33.76
N PRO A 326 -19.89 -2.21 -34.98
CA PRO A 326 -19.61 -3.47 -35.67
C PRO A 326 -18.35 -3.42 -36.49
N GLU A 327 -17.82 -4.59 -36.83
CA GLU A 327 -16.67 -4.61 -37.71
C GLU A 327 -17.24 -4.31 -39.09
N PRO A 328 -16.60 -3.39 -39.83
CA PRO A 328 -17.07 -3.05 -41.16
C PRO A 328 -17.19 -4.27 -42.05
N GLY A 329 -18.41 -4.62 -42.43
CA GLY A 329 -18.64 -5.78 -43.27
C GLY A 329 -18.65 -7.06 -42.49
N GLU A 330 -19.33 -7.08 -41.35
CA GLU A 330 -19.37 -8.27 -40.51
C GLU A 330 -20.79 -8.73 -40.30
N ASP A 331 -21.06 -10.00 -40.58
CA ASP A 331 -22.39 -10.53 -40.36
C ASP A 331 -22.83 -10.19 -38.95
N PRO A 332 -23.98 -9.50 -38.83
CA PRO A 332 -24.49 -9.14 -37.52
C PRO A 332 -24.46 -10.32 -36.58
N ARG A 333 -24.91 -11.48 -37.06
CA ARG A 333 -24.90 -12.67 -36.22
C ARG A 333 -23.54 -12.81 -35.55
N VAL A 334 -22.47 -12.77 -36.34
CA VAL A 334 -21.15 -12.82 -35.73
C VAL A 334 -21.01 -11.70 -34.73
N THR A 335 -21.28 -10.48 -35.14
CA THR A 335 -21.08 -9.34 -34.24
C THR A 335 -21.87 -9.58 -32.99
N ARG A 336 -23.02 -10.21 -33.11
CA ARG A 336 -23.91 -10.44 -31.99
C ARG A 336 -23.36 -11.51 -31.05
N ALA A 337 -22.87 -12.61 -31.61
CA ALA A 337 -22.30 -13.67 -30.78
C ALA A 337 -21.06 -13.20 -30.04
N LYS A 338 -20.23 -12.42 -30.72
CA LYS A 338 -18.99 -11.96 -30.11
C LYS A 338 -19.26 -10.97 -29.00
N TYR A 339 -20.25 -10.12 -29.17
CA TYR A 339 -20.65 -9.19 -28.13
C TYR A 339 -21.36 -9.90 -26.98
N PHE A 340 -22.09 -10.98 -27.27
CA PHE A 340 -22.69 -11.77 -26.21
C PHE A 340 -21.61 -12.41 -25.33
N ILE A 341 -20.57 -12.96 -25.95
CA ILE A 341 -19.48 -13.52 -25.17
C ILE A 341 -18.78 -12.45 -24.34
N ARG A 342 -18.55 -11.31 -24.95
CA ARG A 342 -17.87 -10.27 -24.23
C ARG A 342 -18.66 -9.99 -23.00
N ASP A 343 -19.97 -10.07 -23.12
CA ASP A 343 -20.81 -9.74 -21.99
C ASP A 343 -20.64 -10.79 -20.92
N GLU A 344 -20.84 -12.04 -21.28
CA GLU A 344 -20.66 -13.10 -20.32
C GLU A 344 -19.43 -12.76 -19.54
N PHE A 345 -18.40 -12.26 -20.19
CA PHE A 345 -17.17 -12.01 -19.44
C PHE A 345 -17.27 -10.75 -18.59
N LEU A 346 -17.88 -9.69 -19.15
CA LEU A 346 -18.01 -8.44 -18.40
C LEU A 346 -18.89 -8.61 -17.17
N ARG A 347 -19.98 -9.37 -17.30
CA ARG A 347 -20.82 -9.66 -16.14
C ARG A 347 -20.05 -10.44 -15.09
N ILE A 348 -19.28 -11.45 -15.52
CA ILE A 348 -18.49 -12.22 -14.57
C ILE A 348 -17.51 -11.31 -13.85
N SER A 349 -16.91 -10.36 -14.56
CA SER A 349 -15.92 -9.47 -13.98
C SER A 349 -16.52 -8.38 -13.10
N THR A 350 -17.73 -7.91 -13.39
CA THR A 350 -18.34 -6.84 -12.62
C THR A 350 -19.26 -7.33 -11.52
N ALA A 351 -19.52 -8.63 -11.45
CA ALA A 351 -20.30 -9.15 -10.33
C ALA A 351 -19.60 -8.87 -9.01
N SER A 352 -18.30 -9.07 -8.96
CA SER A 352 -17.52 -8.78 -7.76
C SER A 352 -17.12 -7.32 -7.72
N GLY A 353 -16.48 -6.93 -6.62
CA GLY A 353 -16.04 -5.55 -6.48
C GLY A 353 -15.07 -5.15 -7.59
N ASP A 354 -15.29 -3.96 -8.13
CA ASP A 354 -14.45 -3.45 -9.21
C ASP A 354 -13.67 -2.21 -8.80
N GLY A 355 -13.54 -1.95 -7.49
CA GLY A 355 -12.82 -0.81 -7.00
C GLY A 355 -11.33 -0.98 -6.85
N ARG A 356 -10.79 -2.15 -7.22
CA ARG A 356 -9.38 -2.41 -7.06
C ARG A 356 -8.72 -3.06 -8.27
N HIS A 357 -9.49 -3.38 -9.31
CA HIS A 357 -8.94 -3.98 -10.53
C HIS A 357 -10.03 -3.98 -11.58
N TYR A 358 -9.61 -3.95 -12.85
CA TYR A 358 -10.54 -3.81 -13.96
C TYR A 358 -10.21 -4.82 -15.04
N CYS A 359 -11.21 -5.09 -15.88
CA CYS A 359 -11.08 -6.02 -17.00
C CYS A 359 -11.14 -5.25 -18.30
N TYR A 360 -10.19 -5.50 -19.19
CA TYR A 360 -10.10 -4.80 -20.47
C TYR A 360 -10.32 -5.80 -21.60
N PRO A 361 -11.53 -5.89 -22.15
CA PRO A 361 -11.78 -6.85 -23.23
C PRO A 361 -11.35 -6.33 -24.59
N HIS A 362 -10.92 -7.26 -25.44
CA HIS A 362 -10.51 -6.91 -26.80
C HIS A 362 -10.72 -8.13 -27.69
N PHE A 363 -10.82 -7.86 -28.99
CA PHE A 363 -10.95 -8.89 -30.01
C PHE A 363 -9.64 -8.98 -30.78
N THR A 364 -9.03 -10.16 -30.79
CA THR A 364 -7.76 -10.35 -31.47
C THR A 364 -7.93 -10.20 -32.97
N CYS A 365 -6.98 -9.50 -33.59
CA CYS A 365 -6.97 -9.28 -35.03
C CYS A 365 -5.86 -10.12 -35.67
N ALA A 366 -5.79 -10.08 -37.00
CA ALA A 366 -4.83 -10.88 -37.73
C ALA A 366 -3.40 -10.33 -37.66
N VAL A 367 -3.23 -9.08 -37.23
CA VAL A 367 -1.93 -8.44 -37.19
C VAL A 367 -1.48 -8.31 -35.74
N ASP A 368 -0.19 -8.56 -35.50
CA ASP A 368 0.38 -8.44 -34.17
C ASP A 368 0.81 -7.03 -33.81
N THR A 369 0.95 -6.15 -34.80
CA THR A 369 1.36 -4.77 -34.52
C THR A 369 0.32 -4.03 -33.69
N GLU A 370 -0.93 -4.48 -33.71
CA GLU A 370 -2.00 -3.83 -32.95
C GLU A 370 -2.16 -4.40 -31.55
N ASN A 371 -1.93 -5.70 -31.36
CA ASN A 371 -2.08 -6.29 -30.05
C ASN A 371 -1.10 -5.68 -29.05
N ILE A 372 0.15 -5.49 -29.47
CA ILE A 372 1.14 -4.90 -28.57
C ILE A 372 0.74 -3.49 -28.18
N ARG A 373 0.25 -2.70 -29.14
CA ARG A 373 -0.21 -1.36 -28.83
C ARG A 373 -1.38 -1.38 -27.85
N ARG A 374 -2.32 -2.31 -28.04
CA ARG A 374 -3.44 -2.41 -27.11
C ARG A 374 -2.95 -2.77 -25.72
N VAL A 375 -2.02 -3.71 -25.61
CA VAL A 375 -1.48 -4.09 -24.31
C VAL A 375 -0.79 -2.90 -23.65
N PHE A 376 -0.02 -2.14 -24.42
CA PHE A 376 0.67 -0.98 -23.86
C PHE A 376 -0.33 0.06 -23.38
N ASN A 377 -1.38 0.31 -24.16
CA ASN A 377 -2.39 1.28 -23.76
C ASN A 377 -3.09 0.85 -22.49
N ASP A 378 -3.44 -0.43 -22.39
CA ASP A 378 -4.10 -0.92 -21.18
C ASP A 378 -3.17 -0.87 -19.98
N CYS A 379 -1.88 -1.16 -20.17
CA CYS A 379 -0.93 -1.04 -19.06
C CYS A 379 -0.82 0.41 -18.59
N ARG A 380 -0.76 1.36 -19.53
CA ARG A 380 -0.73 2.76 -19.14
C ARG A 380 -2.00 3.14 -18.38
N ASP A 381 -3.15 2.66 -18.84
CA ASP A 381 -4.40 2.94 -18.16
C ASP A 381 -4.39 2.38 -16.73
N ILE A 382 -3.88 1.16 -16.57
CA ILE A 382 -3.81 0.54 -15.24
C ILE A 382 -2.90 1.37 -14.33
N ILE A 383 -1.75 1.79 -14.85
CA ILE A 383 -0.83 2.58 -14.04
C ILE A 383 -1.47 3.89 -13.63
N GLN A 384 -2.14 4.56 -14.57
CA GLN A 384 -2.78 5.84 -14.25
C GLN A 384 -3.87 5.65 -13.22
N ARG A 385 -4.68 4.60 -13.35
CA ARG A 385 -5.73 4.35 -12.38
C ARG A 385 -5.16 4.06 -11.01
N MET A 386 -4.07 3.29 -10.94
CA MET A 386 -3.44 3.02 -9.65
C MET A 386 -2.92 4.31 -9.02
N HIS A 387 -2.30 5.17 -9.82
CA HIS A 387 -1.80 6.44 -9.30
C HIS A 387 -2.93 7.30 -8.78
N LEU A 388 -4.04 7.36 -9.53
CA LEU A 388 -5.19 8.13 -9.06
C LEU A 388 -5.76 7.57 -7.77
N ARG A 389 -5.86 6.25 -7.68
CA ARG A 389 -6.35 5.64 -6.44
C ARG A 389 -5.42 5.93 -5.27
N GLN A 390 -4.12 6.05 -5.54
CA GLN A 390 -3.19 6.40 -4.47
C GLN A 390 -3.50 7.77 -3.90
N TYR A 391 -3.92 8.71 -4.75
CA TYR A 391 -4.28 10.05 -4.32
C TYR A 391 -5.73 10.18 -3.90
N GLU A 392 -6.49 9.08 -3.91
CA GLU A 392 -7.89 9.08 -3.50
C GLU A 392 -8.78 9.88 -4.45
N LEU A 393 -8.39 9.96 -5.72
CA LEU A 393 -9.18 10.70 -6.71
C LEU A 393 -10.28 9.84 -7.31
N LEU A 394 -10.04 8.55 -7.53
CA LEU A 394 -11.08 7.62 -7.96
C LEU A 394 -10.80 6.21 -7.48
N HIS B 1 -1.18 35.85 -3.20
CA HIS B 1 -0.25 36.44 -2.24
C HIS B 1 -0.88 37.68 -1.59
N SER B 2 -2.08 37.50 -1.05
CA SER B 2 -2.78 38.61 -0.40
C SER B 2 -2.33 38.84 1.03
N GLN B 3 -1.58 37.91 1.62
CA GLN B 3 -1.06 38.12 2.96
C GLN B 3 -0.12 39.32 3.01
N GLY B 4 0.76 39.44 2.03
CA GLY B 4 1.69 40.55 2.01
C GLY B 4 1.01 41.89 1.87
N THR B 5 0.02 41.98 0.97
CA THR B 5 -0.70 43.24 0.79
C THR B 5 -1.49 43.60 2.04
N PHE B 6 -2.13 42.61 2.68
CA PHE B 6 -2.86 42.90 3.90
C PHE B 6 -1.92 43.38 5.00
N THR B 7 -0.76 42.74 5.14
CA THR B 7 0.22 43.18 6.12
C THR B 7 0.72 44.60 5.82
N SER B 8 0.95 44.91 4.55
CA SER B 8 1.37 46.26 4.17
C SER B 8 0.30 47.31 4.46
N ASP B 9 -0.98 46.98 4.27
CA ASP B 9 -2.06 47.88 4.64
C ASP B 9 -2.19 48.05 6.16
N LYS B 10 -2.04 46.97 6.90
CA LYS B 10 -2.10 47.06 8.34
C LYS B 10 -0.98 47.93 8.86
N SER B 11 0.22 47.72 8.33
CA SER B 11 1.35 48.52 8.79
C SER B 11 1.10 50.00 8.55
N GLU B 12 0.58 50.36 7.38
CA GLU B 12 0.28 51.76 7.12
C GLU B 12 -0.79 52.29 8.06
N TYR B 13 -1.81 51.49 8.35
CA TYR B 13 -2.82 51.92 9.28
C TYR B 13 -2.20 52.19 10.62
N LEU B 14 -1.45 51.22 11.13
CA LEU B 14 -0.84 51.36 12.43
C LEU B 14 0.02 52.60 12.48
N ASP B 15 0.81 52.84 11.43
CA ASP B 15 1.65 54.02 11.42
C ASP B 15 0.81 55.29 11.49
N SER B 16 -0.28 55.35 10.74
CA SER B 16 -1.14 56.52 10.79
C SER B 16 -1.75 56.69 12.19
N GLU B 17 -2.22 55.61 12.77
CA GLU B 17 -2.88 55.71 14.05
C GLU B 17 -1.91 56.31 15.03
N ARG B 18 -0.67 55.89 14.95
CA ARG B 18 0.27 56.35 15.94
C ARG B 18 0.70 57.77 15.69
N ALA B 19 0.55 58.24 14.47
CA ALA B 19 0.90 59.61 14.17
C ALA B 19 -0.09 60.51 14.85
N ARG B 20 -1.35 60.11 14.81
CA ARG B 20 -2.37 60.89 15.47
C ARG B 20 -2.11 60.89 16.95
N ASP B 21 -1.61 59.77 17.47
CA ASP B 21 -1.33 59.67 18.89
C ASP B 21 -0.13 60.52 19.29
N PHE B 22 0.86 60.64 18.43
CA PHE B 22 1.99 61.48 18.73
C PHE B 22 1.46 62.88 18.79
N VAL B 23 0.65 63.24 17.81
CA VAL B 23 0.09 64.57 17.78
C VAL B 23 -0.68 64.80 19.07
N ALA B 24 -1.45 63.81 19.49
CA ALA B 24 -2.26 63.97 20.70
C ALA B 24 -1.42 64.10 21.95
N TRP B 25 -0.40 63.27 22.07
CA TRP B 25 0.46 63.32 23.23
C TRP B 25 1.02 64.71 23.24
N LEU B 26 1.19 65.28 22.05
CA LEU B 26 1.81 66.58 21.99
C LEU B 26 0.80 67.72 22.19
N GLU B 27 -0.49 67.44 21.95
CA GLU B 27 -1.50 68.47 22.17
C GLU B 27 -1.53 68.90 23.63
N ALA B 28 -1.48 67.95 24.55
CA ALA B 28 -1.52 68.25 25.98
C ALA B 28 -0.13 68.30 26.59
N GLY B 29 0.61 67.19 26.50
CA GLY B 29 1.95 67.12 27.05
C GLY B 29 2.97 67.88 26.24
N SER C 7 -14.93 -55.01 -13.75
CA SER C 7 -13.75 -55.60 -14.37
C SER C 7 -12.90 -56.33 -13.33
N GLU C 8 -11.59 -56.39 -13.57
CA GLU C 8 -10.66 -57.05 -12.67
C GLU C 8 -10.04 -56.10 -11.66
N LEU C 9 -10.46 -54.84 -11.65
CA LEU C 9 -9.94 -53.85 -10.72
C LEU C 9 -10.96 -53.37 -9.69
N ASP C 10 -12.24 -53.60 -9.93
CA ASP C 10 -13.24 -53.23 -8.94
C ASP C 10 -12.79 -53.82 -7.63
N GLN C 11 -12.41 -55.09 -7.67
CA GLN C 11 -11.93 -55.75 -6.48
C GLN C 11 -10.87 -54.89 -5.83
N LEU C 12 -9.90 -54.43 -6.62
CA LEU C 12 -8.84 -53.58 -6.08
C LEU C 12 -9.42 -52.58 -5.11
N ARG C 13 -10.44 -51.84 -5.53
CA ARG C 13 -11.09 -50.92 -4.62
C ARG C 13 -11.59 -51.66 -3.40
N GLN C 14 -12.58 -52.53 -3.60
CA GLN C 14 -13.15 -53.28 -2.47
C GLN C 14 -12.08 -53.77 -1.51
N GLU C 15 -11.00 -54.33 -2.05
CA GLU C 15 -9.94 -54.85 -1.20
C GLU C 15 -9.09 -53.72 -0.62
N ALA C 16 -8.78 -52.70 -1.42
CA ALA C 16 -8.02 -51.56 -0.91
C ALA C 16 -8.81 -50.81 0.16
N GLU C 17 -10.11 -50.62 -0.06
CA GLU C 17 -10.91 -49.92 0.94
C GLU C 17 -11.00 -50.74 2.23
N GLN C 18 -11.02 -52.07 2.15
CA GLN C 18 -11.08 -52.88 3.35
C GLN C 18 -9.72 -52.91 4.06
N LEU C 19 -8.62 -52.82 3.29
CA LEU C 19 -7.32 -52.61 3.91
C LEU C 19 -7.30 -51.29 4.68
N LYS C 20 -7.85 -50.23 4.07
CA LYS C 20 -7.93 -48.94 4.76
C LYS C 20 -8.76 -49.03 6.02
N ASN C 21 -9.89 -49.74 5.94
CA ASN C 21 -10.75 -49.92 7.12
C ASN C 21 -10.01 -50.67 8.22
N GLN C 22 -9.29 -51.73 7.86
CA GLN C 22 -8.52 -52.48 8.85
C GLN C 22 -7.44 -51.60 9.48
N ILE C 23 -6.78 -50.78 8.66
CA ILE C 23 -5.75 -49.88 9.19
C ILE C 23 -6.36 -48.90 10.18
N ARG C 24 -7.52 -48.33 9.83
CA ARG C 24 -8.18 -47.40 10.75
C ARG C 24 -8.59 -48.10 12.04
N ASP C 25 -9.12 -49.32 11.93
CA ASP C 25 -9.55 -50.05 13.12
C ASP C 25 -8.36 -50.34 14.04
N ALA C 26 -7.28 -50.88 13.47
CA ALA C 26 -6.07 -51.09 14.27
C ALA C 26 -5.51 -49.78 14.78
N ARG C 27 -5.62 -48.71 13.98
CA ARG C 27 -5.19 -47.40 14.44
C ARG C 27 -6.01 -46.92 15.63
N LYS C 28 -7.31 -47.18 15.63
CA LYS C 28 -8.15 -46.73 16.73
C LYS C 28 -7.76 -47.38 18.06
N ALA C 29 -7.40 -48.66 18.04
CA ALA C 29 -7.08 -49.37 19.27
C ALA C 29 -5.88 -48.75 20.00
N CYS C 30 -5.00 -48.08 19.27
CA CYS C 30 -3.83 -47.45 19.88
C CYS C 30 -4.22 -46.17 20.63
N ALA C 31 -5.24 -45.46 20.15
CA ALA C 31 -5.64 -44.19 20.75
C ALA C 31 -6.47 -44.45 22.00
N ASP C 32 -5.94 -44.07 23.16
CA ASP C 32 -6.66 -44.18 24.41
C ASP C 32 -6.48 -42.94 25.29
N ALA C 33 -5.66 -41.99 24.87
CA ALA C 33 -5.42 -40.78 25.66
C ALA C 33 -4.94 -39.68 24.73
N THR C 34 -5.01 -38.45 25.21
CA THR C 34 -4.58 -37.28 24.46
C THR C 34 -3.61 -36.46 25.31
N LEU C 35 -2.77 -35.68 24.62
CA LEU C 35 -1.80 -34.84 25.32
C LEU C 35 -2.46 -33.79 26.19
N SER C 36 -3.74 -33.48 25.95
CA SER C 36 -4.39 -32.42 26.72
C SER C 36 -4.42 -32.74 28.20
N GLN C 37 -4.74 -33.98 28.53
CA GLN C 37 -4.80 -34.39 29.93
C GLN C 37 -3.41 -34.62 30.50
N ILE C 38 -2.51 -35.19 29.71
CA ILE C 38 -1.17 -35.49 30.20
C ILE C 38 -0.42 -34.21 30.54
N THR C 39 -0.62 -33.16 29.75
CA THR C 39 0.10 -31.91 29.93
C THR C 39 -0.54 -30.98 30.95
N ASN C 40 -1.68 -31.37 31.54
CA ASN C 40 -2.31 -30.52 32.54
C ASN C 40 -1.40 -30.29 33.73
N ASN C 41 -0.68 -31.33 34.16
CA ASN C 41 0.21 -31.20 35.30
C ASN C 41 1.32 -30.19 35.02
N ILE C 42 1.91 -30.23 33.83
CA ILE C 42 2.99 -29.32 33.50
C ILE C 42 2.46 -27.91 33.34
N ASP C 43 3.14 -26.95 33.95
CA ASP C 43 2.67 -25.57 33.91
C ASP C 43 2.75 -25.02 32.49
N PRO C 44 1.82 -24.14 32.12
CA PRO C 44 1.86 -23.53 30.79
C PRO C 44 3.07 -22.62 30.62
N VAL C 45 3.46 -22.42 29.36
CA VAL C 45 4.61 -21.58 29.07
C VAL C 45 4.38 -20.16 29.60
N GLY C 46 3.19 -19.62 29.41
CA GLY C 46 2.87 -18.29 29.87
C GLY C 46 2.97 -17.25 28.76
N ARG C 47 3.14 -16.01 29.19
CA ARG C 47 3.23 -14.90 28.24
C ARG C 47 4.61 -14.87 27.60
N ILE C 48 4.63 -14.77 26.27
CA ILE C 48 5.87 -14.61 25.51
C ILE C 48 5.74 -13.33 24.70
N GLN C 49 6.65 -12.39 24.96
CA GLN C 49 6.66 -11.09 24.28
C GLN C 49 7.93 -11.02 23.42
N MET C 50 7.81 -11.41 22.16
CA MET C 50 8.91 -11.32 21.22
C MET C 50 8.89 -9.98 20.51
N ARG C 51 10.06 -9.37 20.38
CA ARG C 51 10.15 -8.08 19.71
C ARG C 51 11.12 -8.16 18.57
N THR C 52 10.89 -7.37 17.53
CA THR C 52 11.75 -7.43 16.39
C THR C 52 13.06 -6.78 16.74
N ARG C 53 14.11 -7.57 16.73
CA ARG C 53 15.40 -7.04 17.05
C ARG C 53 16.03 -6.42 15.81
N ARG C 54 15.81 -7.01 14.64
CA ARG C 54 16.44 -6.51 13.43
C ARG C 54 15.49 -6.46 12.23
N THR C 55 15.74 -5.57 11.28
CA THR C 55 14.94 -5.49 10.07
C THR C 55 15.87 -5.44 8.88
N LEU C 56 15.62 -6.29 7.90
CA LEU C 56 16.50 -6.45 6.74
C LEU C 56 15.74 -5.98 5.51
N ARG C 57 15.85 -4.69 5.21
CA ARG C 57 15.14 -4.07 4.09
C ARG C 57 16.13 -3.93 2.92
N GLY C 58 16.28 -5.02 2.18
CA GLY C 58 17.16 -5.01 1.02
C GLY C 58 16.54 -5.58 -0.24
N HIS C 59 15.40 -6.24 -0.10
CA HIS C 59 14.75 -6.88 -1.24
C HIS C 59 13.82 -5.89 -1.95
N LEU C 60 13.53 -6.19 -3.22
CA LEU C 60 12.68 -5.36 -4.05
C LEU C 60 11.24 -5.88 -4.09
N ALA C 61 11.06 -7.12 -4.50
CA ALA C 61 9.75 -7.74 -4.58
C ALA C 61 9.48 -8.55 -3.31
N LYS C 62 8.38 -9.29 -3.32
CA LYS C 62 8.02 -10.09 -2.16
C LYS C 62 9.05 -11.18 -1.92
N ILE C 63 9.28 -11.49 -0.65
CA ILE C 63 10.20 -12.55 -0.24
C ILE C 63 9.38 -13.82 -0.04
N TYR C 64 9.77 -14.90 -0.70
CA TYR C 64 8.95 -16.09 -0.75
C TYR C 64 9.59 -17.30 -0.08
N ALA C 65 10.87 -17.23 0.26
CA ALA C 65 11.54 -18.34 0.94
C ALA C 65 12.73 -17.81 1.71
N MET C 66 13.19 -18.61 2.67
CA MET C 66 14.31 -18.23 3.52
C MET C 66 14.85 -19.47 4.22
N HIS C 67 16.10 -19.39 4.67
CA HIS C 67 16.74 -20.49 5.37
C HIS C 67 17.86 -19.95 6.24
N TRP C 68 18.15 -20.68 7.31
CA TRP C 68 19.19 -20.32 8.26
C TRP C 68 20.44 -21.17 8.05
N GLY C 69 21.60 -20.58 8.30
CA GLY C 69 22.84 -21.32 8.26
C GLY C 69 23.06 -22.15 9.51
N THR C 70 23.96 -23.12 9.39
CA THR C 70 24.24 -23.99 10.53
C THR C 70 24.88 -23.24 11.70
N ASP C 71 25.56 -22.13 11.43
CA ASP C 71 26.15 -21.32 12.48
C ASP C 71 25.14 -20.36 13.11
N SER C 72 23.93 -20.27 12.56
CA SER C 72 22.88 -19.41 13.11
C SER C 72 23.35 -17.96 13.20
N ARG C 73 24.12 -17.53 12.21
CA ARG C 73 24.60 -16.16 12.14
C ARG C 73 24.21 -15.46 10.85
N LEU C 74 24.29 -16.14 9.72
CA LEU C 74 23.96 -15.56 8.42
C LEU C 74 22.95 -16.46 7.71
N LEU C 75 21.95 -15.83 7.10
CA LEU C 75 20.84 -16.54 6.48
C LEU C 75 20.61 -16.03 5.07
N VAL C 76 20.19 -16.92 4.17
CA VAL C 76 19.88 -16.56 2.81
C VAL C 76 18.37 -16.39 2.66
N SER C 77 17.97 -15.53 1.74
CA SER C 77 16.56 -15.28 1.45
C SER C 77 16.37 -15.14 -0.05
N ALA C 78 15.19 -15.53 -0.51
CA ALA C 78 14.85 -15.51 -1.93
C ALA C 78 13.57 -14.70 -2.14
N SER C 79 13.61 -13.85 -3.15
CA SER C 79 12.48 -13.03 -3.48
C SER C 79 12.24 -13.12 -4.96
N GLN C 80 11.06 -12.74 -5.40
CA GLN C 80 10.73 -12.86 -6.81
C GLN C 80 11.21 -11.67 -7.60
N ASP C 81 12.30 -11.07 -7.18
CA ASP C 81 12.89 -9.96 -7.92
C ASP C 81 14.06 -10.55 -8.66
N GLY C 82 14.36 -11.80 -8.39
CA GLY C 82 15.47 -12.50 -8.98
C GLY C 82 16.77 -12.42 -8.22
N LYS C 83 16.76 -11.95 -6.98
CA LYS C 83 17.96 -11.83 -6.16
C LYS C 83 17.91 -12.80 -4.99
N LEU C 84 19.08 -13.36 -4.67
CA LEU C 84 19.26 -14.25 -3.51
C LEU C 84 20.28 -13.56 -2.62
N ILE C 85 19.84 -13.08 -1.46
CA ILE C 85 20.68 -12.28 -0.58
C ILE C 85 21.08 -13.11 0.62
N ILE C 86 22.37 -13.08 0.95
CA ILE C 86 22.92 -13.76 2.12
C ILE C 86 23.21 -12.67 3.14
N TRP C 87 22.32 -12.52 4.13
CA TRP C 87 22.44 -11.46 5.11
C TRP C 87 23.41 -11.86 6.23
N ASP C 88 23.60 -10.96 7.18
CA ASP C 88 24.34 -11.24 8.40
C ASP C 88 23.48 -10.72 9.55
N SER C 89 22.87 -11.64 10.31
CA SER C 89 21.89 -11.24 11.30
C SER C 89 22.51 -10.34 12.37
N TYR C 90 23.72 -10.65 12.82
CA TYR C 90 24.32 -9.89 13.90
C TYR C 90 24.55 -8.43 13.49
N THR C 91 25.03 -8.21 12.27
CA THR C 91 25.35 -6.87 11.80
C THR C 91 24.38 -6.34 10.76
N THR C 92 23.47 -7.17 10.25
CA THR C 92 22.51 -6.75 9.23
C THR C 92 23.21 -6.20 8.00
N ASN C 93 24.33 -6.81 7.63
CA ASN C 93 25.10 -6.43 6.46
C ASN C 93 25.04 -7.56 5.44
N LYS C 94 24.63 -7.23 4.22
CA LYS C 94 24.58 -8.24 3.16
C LYS C 94 25.98 -8.70 2.80
N VAL C 95 26.10 -9.99 2.50
CA VAL C 95 27.38 -10.59 2.14
C VAL C 95 27.47 -10.92 0.66
N HIS C 96 26.41 -11.50 0.09
CA HIS C 96 26.36 -11.84 -1.33
C HIS C 96 24.96 -11.61 -1.85
N ALA C 97 24.84 -10.83 -2.92
CA ALA C 97 23.56 -10.63 -3.61
C ALA C 97 23.67 -11.31 -4.98
N ILE C 98 23.33 -12.60 -4.99
CA ILE C 98 23.46 -13.40 -6.21
C ILE C 98 22.28 -13.09 -7.14
N PRO C 99 22.53 -12.65 -8.36
CA PRO C 99 21.44 -12.53 -9.34
C PRO C 99 21.00 -13.91 -9.82
N LEU C 100 19.77 -13.97 -10.30
CA LEU C 100 19.17 -15.23 -10.75
C LEU C 100 18.65 -15.08 -12.16
N ARG C 101 18.67 -16.20 -12.90
CA ARG C 101 18.17 -16.21 -14.26
C ARG C 101 16.64 -16.11 -14.28
N SER C 102 15.99 -17.02 -13.57
CA SER C 102 14.54 -16.98 -13.48
C SER C 102 14.14 -16.19 -12.28
N SER C 103 13.37 -15.15 -12.47
CA SER C 103 12.97 -14.27 -11.37
C SER C 103 11.91 -14.89 -10.48
N TRP C 104 11.30 -16.01 -10.89
CA TRP C 104 10.22 -16.63 -10.12
C TRP C 104 10.81 -17.74 -9.25
N VAL C 105 11.40 -17.33 -8.14
CA VAL C 105 11.98 -18.26 -7.17
C VAL C 105 10.93 -18.63 -6.15
N MET C 106 10.88 -19.91 -5.80
CA MET C 106 9.92 -20.42 -4.84
C MET C 106 10.56 -21.14 -3.65
N THR C 107 11.86 -21.42 -3.68
CA THR C 107 12.50 -22.14 -2.59
C THR C 107 13.97 -21.74 -2.54
N CYS C 108 14.57 -21.97 -1.38
CA CYS C 108 16.00 -21.72 -1.19
C CYS C 108 16.48 -22.59 -0.03
N ALA C 109 17.79 -22.83 -0.01
CA ALA C 109 18.39 -23.64 1.04
C ALA C 109 19.85 -23.26 1.17
N TYR C 110 20.38 -23.42 2.37
CA TYR C 110 21.77 -23.09 2.68
C TYR C 110 22.47 -24.37 3.13
N ALA C 111 23.58 -24.69 2.50
CA ALA C 111 24.25 -25.95 2.76
C ALA C 111 24.71 -26.03 4.21
N PRO C 112 24.65 -27.23 4.82
CA PRO C 112 25.09 -27.35 6.22
C PRO C 112 26.53 -26.93 6.43
N SER C 113 27.41 -27.16 5.45
CA SER C 113 28.80 -26.75 5.57
C SER C 113 29.01 -25.26 5.26
N GLY C 114 27.98 -24.57 4.79
CA GLY C 114 28.12 -23.17 4.47
C GLY C 114 28.86 -22.87 3.20
N ASN C 115 29.16 -23.88 2.39
CA ASN C 115 29.90 -23.68 1.14
C ASN C 115 29.01 -23.52 -0.07
N TYR C 116 27.78 -24.04 -0.02
CA TYR C 116 26.88 -24.00 -1.16
C TYR C 116 25.52 -23.46 -0.75
N VAL C 117 24.80 -22.91 -1.73
CA VAL C 117 23.44 -22.44 -1.54
C VAL C 117 22.58 -23.04 -2.64
N ALA C 118 21.29 -23.14 -2.38
CA ALA C 118 20.36 -23.77 -3.31
C ALA C 118 19.18 -22.85 -3.59
N CYS C 119 18.75 -22.82 -4.85
CA CYS C 119 17.60 -22.04 -5.26
C CYS C 119 16.71 -22.87 -6.19
N GLY C 120 15.61 -22.32 -6.67
CA GLY C 120 14.71 -23.06 -7.53
C GLY C 120 13.33 -22.46 -7.52
N GLY C 121 12.54 -22.78 -8.53
CA GLY C 121 11.20 -22.24 -8.60
C GLY C 121 10.37 -22.70 -9.76
N LEU C 122 9.72 -21.77 -10.44
CA LEU C 122 8.82 -22.12 -11.53
C LEU C 122 9.53 -22.51 -12.79
N ASP C 123 10.85 -22.47 -12.78
CA ASP C 123 11.62 -22.81 -13.96
C ASP C 123 11.92 -24.28 -14.01
N ASN C 124 11.37 -25.06 -13.09
CA ASN C 124 11.59 -26.50 -13.02
C ASN C 124 13.04 -26.87 -12.99
N ILE C 125 13.87 -26.03 -12.39
CA ILE C 125 15.29 -26.26 -12.36
C ILE C 125 15.79 -25.93 -10.96
N CYS C 126 16.67 -26.76 -10.41
CA CYS C 126 17.26 -26.48 -9.11
C CYS C 126 18.69 -26.01 -9.36
N SER C 127 18.94 -24.75 -9.00
CA SER C 127 20.27 -24.18 -9.16
C SER C 127 21.06 -24.30 -7.85
N ILE C 128 22.32 -24.68 -7.96
CA ILE C 128 23.21 -24.83 -6.82
C ILE C 128 24.40 -23.92 -7.04
N TYR C 129 24.56 -22.98 -6.13
CA TYR C 129 25.63 -22.01 -6.23
C TYR C 129 26.75 -22.25 -5.26
N ASN C 130 27.96 -22.01 -5.70
CA ASN C 130 29.14 -22.19 -4.88
C ASN C 130 29.60 -20.84 -4.33
N LEU C 131 29.71 -20.75 -3.01
CA LEU C 131 30.09 -19.50 -2.36
C LEU C 131 31.58 -19.38 -2.08
N LYS C 132 32.29 -20.51 -1.97
CA LYS C 132 33.71 -20.52 -1.64
C LYS C 132 34.58 -20.70 -2.87
N THR C 133 34.18 -20.12 -3.99
CA THR C 133 34.94 -20.26 -5.22
C THR C 133 36.34 -19.68 -5.06
N ARG C 134 37.32 -20.31 -5.71
CA ARG C 134 38.70 -19.87 -5.60
C ARG C 134 38.87 -18.44 -6.09
N GLU C 135 38.20 -18.08 -7.18
CA GLU C 135 38.31 -16.73 -7.71
C GLU C 135 37.83 -15.70 -6.71
N GLY C 136 36.72 -15.97 -6.04
CA GLY C 136 36.17 -15.08 -5.06
C GLY C 136 34.83 -14.44 -5.40
N ASN C 137 34.11 -14.98 -6.37
CA ASN C 137 32.80 -14.44 -6.76
C ASN C 137 31.82 -15.59 -6.88
N VAL C 138 30.64 -15.44 -6.29
CA VAL C 138 29.63 -16.49 -6.34
C VAL C 138 29.24 -16.74 -7.79
N ARG C 139 29.32 -18.00 -8.22
CA ARG C 139 28.98 -18.38 -9.58
C ARG C 139 28.18 -19.67 -9.54
N VAL C 140 27.37 -19.88 -10.59
CA VAL C 140 26.57 -21.09 -10.67
C VAL C 140 27.48 -22.30 -10.66
N SER C 141 27.14 -23.29 -9.84
CA SER C 141 27.90 -24.53 -9.76
C SER C 141 27.22 -25.67 -10.49
N ARG C 142 25.94 -25.90 -10.20
CA ARG C 142 25.20 -26.98 -10.84
C ARG C 142 23.79 -26.50 -11.18
N GLU C 143 23.20 -27.11 -12.20
CA GLU C 143 21.86 -26.77 -12.65
C GLU C 143 21.11 -28.07 -12.92
N LEU C 144 20.45 -28.60 -11.88
CA LEU C 144 19.71 -29.85 -12.00
C LEU C 144 18.38 -29.59 -12.70
N ALA C 145 18.04 -30.46 -13.65
CA ALA C 145 16.78 -30.30 -14.41
C ALA C 145 16.26 -31.70 -14.75
N GLY C 146 15.35 -32.20 -13.93
CA GLY C 146 14.74 -33.50 -14.17
C GLY C 146 13.27 -33.55 -13.81
N HIS C 147 12.74 -32.43 -13.32
CA HIS C 147 11.34 -32.36 -12.93
C HIS C 147 10.50 -31.77 -14.05
N THR C 148 9.19 -31.99 -13.96
CA THR C 148 8.23 -31.41 -14.89
C THR C 148 7.52 -30.21 -14.28
N GLY C 149 7.00 -30.35 -13.06
CA GLY C 149 6.40 -29.24 -12.35
C GLY C 149 7.42 -28.36 -11.65
N TYR C 150 6.92 -27.30 -11.04
CA TYR C 150 7.77 -26.35 -10.35
C TYR C 150 8.36 -27.00 -9.09
N LEU C 151 9.42 -26.38 -8.57
CA LEU C 151 10.07 -26.82 -7.35
C LEU C 151 9.54 -26.02 -6.17
N SER C 152 9.14 -26.73 -5.12
CA SER C 152 8.55 -26.08 -3.95
C SER C 152 9.51 -25.98 -2.77
N CYS C 153 10.46 -26.91 -2.64
CA CYS C 153 11.42 -26.85 -1.54
C CYS C 153 12.57 -27.82 -1.75
N CYS C 154 13.79 -27.38 -1.47
CA CYS C 154 14.98 -28.20 -1.59
C CYS C 154 15.79 -28.11 -0.31
N ARG C 155 16.35 -29.24 0.12
CA ARG C 155 17.12 -29.31 1.34
C ARG C 155 18.41 -30.08 1.10
N PHE C 156 19.51 -29.56 1.68
CA PHE C 156 20.82 -30.18 1.51
C PHE C 156 21.02 -31.26 2.56
N LEU C 157 21.31 -32.47 2.12
CA LEU C 157 21.75 -33.52 3.04
C LEU C 157 23.23 -33.36 3.37
N ASP C 158 24.05 -33.14 2.36
CA ASP C 158 25.46 -32.81 2.53
C ASP C 158 25.89 -31.96 1.33
N ASP C 159 27.19 -31.81 1.13
CA ASP C 159 27.69 -31.07 -0.02
C ASP C 159 27.73 -31.89 -1.29
N ASN C 160 27.07 -33.06 -1.31
CA ASN C 160 27.13 -33.93 -2.48
C ASN C 160 25.75 -34.30 -2.98
N GLN C 161 24.77 -34.40 -2.10
CA GLN C 161 23.42 -34.82 -2.47
C GLN C 161 22.38 -33.90 -1.84
N ILE C 162 21.28 -33.72 -2.56
CA ILE C 162 20.23 -32.80 -2.14
C ILE C 162 18.87 -33.41 -2.45
N VAL C 163 17.90 -33.19 -1.56
CA VAL C 163 16.56 -33.71 -1.73
C VAL C 163 15.65 -32.55 -2.12
N THR C 164 14.99 -32.66 -3.27
CA THR C 164 14.18 -31.58 -3.80
C THR C 164 12.76 -32.07 -4.06
N SER C 165 11.78 -31.32 -3.57
CA SER C 165 10.39 -31.57 -3.89
C SER C 165 10.00 -30.84 -5.18
N SER C 166 8.88 -31.24 -5.76
CA SER C 166 8.46 -30.68 -7.03
C SER C 166 6.94 -30.63 -7.09
N GLY C 167 6.43 -29.82 -8.01
CA GLY C 167 5.01 -29.70 -8.25
C GLY C 167 4.41 -30.78 -9.11
N ASP C 168 5.23 -31.74 -9.55
CA ASP C 168 4.75 -32.86 -10.35
C ASP C 168 4.34 -34.05 -9.49
N THR C 169 4.30 -33.88 -8.17
CA THR C 169 3.92 -34.91 -7.21
C THR C 169 5.02 -35.94 -6.98
N THR C 170 6.27 -35.62 -7.31
CA THR C 170 7.39 -36.55 -7.14
C THR C 170 8.58 -35.79 -6.56
N CYS C 171 9.12 -36.29 -5.46
CA CYS C 171 10.36 -35.77 -4.90
C CYS C 171 11.54 -36.55 -5.47
N ALA C 172 12.71 -35.90 -5.48
CA ALA C 172 13.89 -36.48 -6.09
C ALA C 172 15.10 -36.30 -5.17
N LEU C 173 16.05 -37.22 -5.31
CA LEU C 173 17.34 -37.14 -4.60
C LEU C 173 18.43 -37.00 -5.66
N TRP C 174 19.03 -35.82 -5.73
CA TRP C 174 20.01 -35.49 -6.75
C TRP C 174 21.42 -35.57 -6.19
N ASP C 175 22.36 -36.03 -7.02
CA ASP C 175 23.78 -36.00 -6.72
C ASP C 175 24.41 -34.85 -7.47
N ILE C 176 24.92 -33.86 -6.72
CA ILE C 176 25.48 -32.67 -7.34
C ILE C 176 26.72 -33.02 -8.16
N GLU C 177 27.53 -33.96 -7.67
CA GLU C 177 28.76 -34.30 -8.37
C GLU C 177 28.47 -34.81 -9.78
N THR C 178 27.48 -35.69 -9.91
CA THR C 178 27.11 -36.22 -11.22
C THR C 178 26.11 -35.31 -11.93
N GLY C 179 24.98 -35.03 -11.29
CA GLY C 179 23.99 -34.14 -11.87
C GLY C 179 22.77 -34.83 -12.41
N GLN C 180 22.31 -35.88 -11.72
CA GLN C 180 21.12 -36.60 -12.14
C GLN C 180 20.44 -37.18 -10.91
N GLN C 181 19.15 -37.48 -11.05
CA GLN C 181 18.39 -38.02 -9.95
C GLN C 181 18.93 -39.39 -9.55
N THR C 182 19.11 -39.59 -8.25
CA THR C 182 19.52 -40.91 -7.75
C THR C 182 18.31 -41.76 -7.41
N THR C 183 17.32 -41.17 -6.74
CA THR C 183 16.10 -41.88 -6.39
C THR C 183 14.91 -40.94 -6.56
N THR C 184 13.76 -41.53 -6.88
CA THR C 184 12.51 -40.79 -7.06
C THR C 184 11.48 -41.34 -6.10
N PHE C 185 10.92 -40.47 -5.27
CA PHE C 185 9.97 -40.87 -4.24
C PHE C 185 8.54 -40.61 -4.72
N THR C 186 8.15 -41.37 -5.73
CA THR C 186 6.81 -41.25 -6.29
C THR C 186 5.78 -41.84 -5.34
N GLY C 187 4.53 -41.37 -5.49
CA GLY C 187 3.44 -41.88 -4.69
C GLY C 187 2.42 -40.83 -4.32
N HIS C 188 2.82 -39.56 -4.34
CA HIS C 188 1.90 -38.48 -4.03
C HIS C 188 0.95 -38.25 -5.19
N THR C 189 -0.23 -37.69 -4.87
CA THR C 189 -1.25 -37.39 -5.86
C THR C 189 -1.24 -35.92 -6.28
N GLY C 190 -1.22 -35.01 -5.32
CA GLY C 190 -1.15 -33.61 -5.65
C GLY C 190 0.24 -33.01 -5.48
N ASP C 191 0.38 -31.73 -5.76
CA ASP C 191 1.68 -31.07 -5.65
C ASP C 191 2.34 -31.27 -4.33
N VAL C 192 3.66 -31.34 -4.30
CA VAL C 192 4.37 -31.42 -3.05
C VAL C 192 4.78 -29.99 -2.74
N MET C 193 4.34 -29.46 -1.61
CA MET C 193 4.60 -28.07 -1.26
C MET C 193 5.85 -27.90 -0.39
N SER C 194 5.98 -28.68 0.67
CA SER C 194 7.12 -28.57 1.57
C SER C 194 7.62 -29.95 1.96
N LEU C 195 8.89 -30.00 2.35
CA LEU C 195 9.50 -31.22 2.84
C LEU C 195 10.52 -30.86 3.91
N SER C 196 10.63 -31.73 4.91
CA SER C 196 11.56 -31.54 6.02
C SER C 196 12.41 -32.78 6.19
N LEU C 197 13.69 -32.57 6.51
CA LEU C 197 14.62 -33.67 6.74
C LEU C 197 14.76 -33.95 8.22
N ALA C 198 14.93 -35.23 8.55
CA ALA C 198 15.09 -35.63 9.93
C ALA C 198 16.43 -35.15 10.48
N PRO C 199 16.54 -35.02 11.80
CA PRO C 199 17.81 -34.56 12.38
C PRO C 199 18.99 -35.44 12.00
N ASP C 200 18.78 -36.74 11.87
CA ASP C 200 19.85 -37.66 11.50
C ASP C 200 20.03 -37.79 9.99
N THR C 201 19.23 -37.07 9.21
CA THR C 201 19.36 -37.06 7.75
C THR C 201 19.25 -38.48 7.17
N ARG C 202 18.35 -39.28 7.75
CA ARG C 202 18.09 -40.63 7.27
C ARG C 202 16.69 -40.80 6.71
N LEU C 203 15.72 -40.05 7.22
CA LEU C 203 14.36 -40.07 6.72
C LEU C 203 13.86 -38.63 6.64
N PHE C 204 12.87 -38.41 5.78
CA PHE C 204 12.30 -37.08 5.64
C PHE C 204 10.82 -37.19 5.31
N VAL C 205 10.08 -36.16 5.71
CA VAL C 205 8.64 -36.11 5.50
C VAL C 205 8.33 -35.03 4.46
N SER C 206 7.21 -35.20 3.77
CA SER C 206 6.83 -34.26 2.71
C SER C 206 5.31 -34.11 2.70
N GLY C 207 4.85 -32.86 2.67
CA GLY C 207 3.44 -32.58 2.51
C GLY C 207 3.07 -32.33 1.06
N ALA C 208 1.78 -32.54 0.76
CA ALA C 208 1.29 -32.42 -0.60
C ALA C 208 -0.02 -31.64 -0.57
N CYS C 209 -0.61 -31.44 -1.75
CA CYS C 209 -1.88 -30.72 -1.89
C CYS C 209 -3.07 -31.67 -1.87
N ASP C 210 -2.93 -32.83 -1.24
CA ASP C 210 -4.04 -33.77 -1.09
C ASP C 210 -4.30 -34.10 0.38
N ALA C 211 -3.99 -33.20 1.29
CA ALA C 211 -4.20 -33.47 2.70
C ALA C 211 -3.52 -34.77 3.13
N SER C 212 -2.30 -34.99 2.68
CA SER C 212 -1.56 -36.18 3.06
C SER C 212 -0.08 -35.84 3.23
N ALA C 213 0.54 -36.36 4.27
CA ALA C 213 1.97 -36.17 4.54
C ALA C 213 2.63 -37.54 4.50
N LYS C 214 3.62 -37.70 3.64
CA LYS C 214 4.28 -38.98 3.45
C LYS C 214 5.70 -38.95 3.99
N LEU C 215 6.08 -40.01 4.69
CA LEU C 215 7.43 -40.17 5.22
C LEU C 215 8.19 -41.17 4.35
N TRP C 216 9.41 -40.82 3.99
CA TRP C 216 10.24 -41.62 3.09
C TRP C 216 11.53 -42.01 3.80
N ASP C 217 12.38 -42.74 3.07
CA ASP C 217 13.69 -43.14 3.56
C ASP C 217 14.68 -42.98 2.42
N VAL C 218 15.53 -41.96 2.50
CA VAL C 218 16.46 -41.67 1.41
C VAL C 218 17.39 -42.85 1.18
N ARG C 219 17.81 -43.52 2.26
CA ARG C 219 18.73 -44.64 2.11
C ARG C 219 18.13 -45.75 1.28
N GLU C 220 16.86 -46.07 1.51
CA GLU C 220 16.18 -47.12 0.76
C GLU C 220 15.40 -46.61 -0.44
N GLY C 221 14.80 -45.42 -0.34
CA GLY C 221 14.09 -44.85 -1.46
C GLY C 221 12.68 -45.36 -1.66
N MET C 222 11.99 -45.71 -0.58
CA MET C 222 10.61 -46.17 -0.64
C MET C 222 9.76 -45.33 0.30
N CYS C 223 8.46 -45.60 0.30
CA CYS C 223 7.51 -44.93 1.18
C CYS C 223 7.14 -45.87 2.33
N ARG C 224 7.15 -45.34 3.55
CA ARG C 224 6.94 -46.16 4.73
C ARG C 224 5.68 -45.82 5.51
N GLN C 225 5.19 -44.59 5.44
CA GLN C 225 4.00 -44.20 6.19
C GLN C 225 3.27 -43.10 5.44
N THR C 226 1.98 -42.97 5.74
CA THR C 226 1.12 -41.97 5.12
C THR C 226 0.15 -41.45 6.17
N PHE C 227 0.29 -40.19 6.53
CA PHE C 227 -0.53 -39.64 7.59
C PHE C 227 -1.55 -38.75 6.97
N THR C 228 -2.80 -38.92 7.36
CA THR C 228 -3.85 -38.10 6.83
C THR C 228 -4.60 -37.53 7.99
N GLY C 229 -5.40 -36.51 7.75
CA GLY C 229 -6.18 -35.93 8.81
C GLY C 229 -6.44 -34.48 8.59
N HIS C 230 -5.72 -33.87 7.67
CA HIS C 230 -6.00 -32.49 7.35
C HIS C 230 -7.14 -32.48 6.37
N GLU C 231 -7.70 -31.32 6.11
CA GLU C 231 -8.84 -31.23 5.22
C GLU C 231 -8.41 -30.73 3.87
N SER C 232 -7.48 -29.79 3.83
CA SER C 232 -6.97 -29.30 2.59
C SER C 232 -5.50 -29.51 2.43
N ASP C 233 -4.91 -28.89 1.43
CA ASP C 233 -3.49 -29.08 1.11
C ASP C 233 -2.60 -28.56 2.24
N ILE C 234 -1.49 -29.25 2.46
CA ILE C 234 -0.52 -28.87 3.47
C ILE C 234 0.47 -27.88 2.89
N ASN C 235 0.68 -26.76 3.57
CA ASN C 235 1.56 -25.72 3.06
C ASN C 235 2.99 -25.85 3.58
N ALA C 236 3.17 -26.32 4.81
CA ALA C 236 4.50 -26.47 5.36
C ALA C 236 4.48 -27.55 6.44
N ILE C 237 5.65 -28.13 6.69
CA ILE C 237 5.83 -29.17 7.70
C ILE C 237 7.26 -29.10 8.20
N CYS C 238 7.53 -29.81 9.31
CA CYS C 238 8.86 -29.88 9.88
C CYS C 238 8.86 -30.90 11.01
N PHE C 239 10.00 -31.55 11.20
CA PHE C 239 10.15 -32.52 12.27
C PHE C 239 10.25 -31.85 13.63
N PHE C 240 9.86 -32.59 14.66
CA PHE C 240 10.15 -32.21 16.03
C PHE C 240 11.65 -32.31 16.28
N PRO C 241 12.19 -31.52 17.19
CA PRO C 241 13.65 -31.52 17.39
C PRO C 241 14.22 -32.89 17.68
N ASN C 242 13.41 -33.79 18.24
CA ASN C 242 13.85 -35.14 18.52
C ASN C 242 13.78 -36.06 17.31
N GLY C 243 13.06 -35.67 16.27
CA GLY C 243 12.97 -36.44 15.05
C GLY C 243 11.91 -37.52 15.03
N ASN C 244 11.11 -37.66 16.09
CA ASN C 244 10.05 -38.66 16.13
C ASN C 244 8.66 -38.12 15.95
N ALA C 245 8.53 -36.86 15.62
CA ALA C 245 7.22 -36.25 15.37
C ALA C 245 7.42 -35.05 14.46
N PHE C 246 6.32 -34.59 13.88
CA PHE C 246 6.40 -33.46 12.96
C PHE C 246 5.06 -32.75 12.91
N ALA C 247 5.12 -31.43 12.78
CA ALA C 247 3.94 -30.58 12.73
C ALA C 247 3.73 -30.07 11.31
N THR C 248 2.50 -30.19 10.82
CA THR C 248 2.14 -29.78 9.47
C THR C 248 0.96 -28.82 9.54
N GLY C 249 1.11 -27.66 8.88
CA GLY C 249 0.05 -26.67 8.80
C GLY C 249 -0.60 -26.72 7.42
N SER C 250 -1.92 -26.55 7.39
CA SER C 250 -2.67 -26.64 6.15
C SER C 250 -3.31 -25.29 5.83
N ASP C 251 -4.03 -25.26 4.70
CA ASP C 251 -4.81 -24.09 4.32
C ASP C 251 -6.17 -24.05 5.02
N ASP C 252 -6.34 -24.88 6.06
CA ASP C 252 -7.56 -24.84 6.85
C ASP C 252 -7.32 -24.14 8.18
N ALA C 253 -6.34 -23.23 8.24
CA ALA C 253 -6.04 -22.50 9.46
C ALA C 253 -5.77 -23.45 10.62
N THR C 254 -5.30 -24.65 10.31
CA THR C 254 -5.08 -25.68 11.31
C THR C 254 -3.69 -26.30 11.14
N CYS C 255 -3.00 -26.50 12.25
CA CYS C 255 -1.76 -27.25 12.31
C CYS C 255 -1.99 -28.51 13.12
N ARG C 256 -1.31 -29.57 12.72
CA ARG C 256 -1.49 -30.82 13.39
C ARG C 256 -0.15 -31.41 13.67
N LEU C 257 -0.04 -32.15 14.76
CA LEU C 257 1.21 -32.82 15.15
C LEU C 257 1.03 -34.32 15.00
N PHE C 258 1.90 -34.96 14.23
CA PHE C 258 1.80 -36.38 14.02
C PHE C 258 3.04 -37.05 14.56
N ASP C 259 2.92 -38.25 15.10
CA ASP C 259 4.03 -39.01 15.66
C ASP C 259 4.19 -40.21 14.78
N LEU C 260 5.36 -40.37 14.19
CA LEU C 260 5.56 -41.45 13.25
C LEU C 260 5.53 -42.82 13.89
N ARG C 261 5.91 -42.91 15.15
CA ARG C 261 5.96 -44.21 15.80
C ARG C 261 4.59 -44.82 16.03
N ALA C 262 3.56 -43.98 16.01
CA ALA C 262 2.22 -44.47 16.25
C ALA C 262 1.31 -44.24 15.06
N ASP C 263 1.86 -43.74 13.95
CA ASP C 263 1.08 -43.55 12.72
C ASP C 263 -0.22 -42.82 12.96
N GLN C 264 -0.17 -41.59 13.48
CA GLN C 264 -1.42 -40.95 13.86
C GLN C 264 -1.12 -39.51 14.27
N GLU C 265 -2.21 -38.73 14.40
CA GLU C 265 -2.08 -37.34 14.84
C GLU C 265 -2.22 -37.28 16.32
N LEU C 266 -1.49 -36.37 16.94
CA LEU C 266 -1.48 -36.25 18.40
C LEU C 266 -2.15 -34.99 18.92
N MET C 267 -2.15 -33.90 18.16
CA MET C 267 -2.77 -32.67 18.64
C MET C 267 -3.07 -31.77 17.45
N THR C 268 -4.06 -30.89 17.65
CA THR C 268 -4.48 -29.93 16.62
C THR C 268 -4.51 -28.54 17.25
N TYR C 269 -3.84 -27.59 16.61
CA TYR C 269 -3.82 -26.20 17.08
C TYR C 269 -4.73 -25.36 16.18
N SER C 270 -6.00 -25.33 16.56
CA SER C 270 -7.03 -24.61 15.82
C SER C 270 -7.73 -23.62 16.73
N HIS C 271 -8.02 -22.43 16.18
CA HIS C 271 -8.75 -21.41 16.90
C HIS C 271 -9.82 -20.83 15.99
N ASP C 272 -10.90 -20.33 16.61
CA ASP C 272 -12.01 -19.79 15.83
C ASP C 272 -11.61 -18.47 15.16
N ASN C 273 -10.83 -17.64 15.84
CA ASN C 273 -10.46 -16.35 15.27
C ASN C 273 -9.66 -16.51 14.00
N ILE C 274 -8.70 -17.45 13.98
CA ILE C 274 -7.89 -17.67 12.80
C ILE C 274 -8.74 -18.30 11.71
N ILE C 275 -8.71 -17.72 10.51
CA ILE C 275 -9.55 -18.16 9.41
C ILE C 275 -8.76 -18.46 8.14
N CYS C 276 -7.49 -18.08 8.06
CA CYS C 276 -6.67 -18.30 6.89
C CYS C 276 -5.71 -19.46 7.12
N GLY C 277 -5.20 -20.01 6.02
CA GLY C 277 -4.29 -21.13 6.11
C GLY C 277 -2.91 -20.74 6.61
N ILE C 278 -2.16 -21.76 7.01
CA ILE C 278 -0.80 -21.57 7.52
C ILE C 278 0.17 -21.58 6.35
N THR C 279 1.17 -20.70 6.41
CA THR C 279 2.18 -20.62 5.37
C THR C 279 3.49 -21.29 5.75
N SER C 280 3.85 -21.29 7.03
CA SER C 280 5.10 -21.91 7.47
C SER C 280 4.93 -22.35 8.93
N VAL C 281 5.75 -23.33 9.31
CA VAL C 281 5.73 -23.86 10.68
C VAL C 281 7.14 -24.30 11.04
N SER C 282 7.51 -24.08 12.30
CA SER C 282 8.83 -24.48 12.77
C SER C 282 8.81 -24.59 14.28
N PHE C 283 9.44 -25.64 14.80
CA PHE C 283 9.54 -25.84 16.23
C PHE C 283 10.68 -24.99 16.80
N SER C 284 10.69 -24.87 18.13
CA SER C 284 11.76 -24.18 18.82
C SER C 284 12.92 -25.12 19.07
N LYS C 285 13.99 -24.60 19.68
CA LYS C 285 15.16 -25.41 19.95
C LYS C 285 14.82 -26.59 20.85
N SER C 286 14.05 -26.34 21.92
CA SER C 286 13.64 -27.41 22.82
C SER C 286 12.38 -28.12 22.35
N GLY C 287 11.70 -27.58 21.34
CA GLY C 287 10.48 -28.18 20.84
C GLY C 287 9.22 -27.80 21.58
N ARG C 288 9.33 -27.02 22.67
CA ARG C 288 8.15 -26.64 23.42
C ARG C 288 7.23 -25.74 22.60
N LEU C 289 7.81 -24.76 21.91
CA LEU C 289 7.02 -23.83 21.11
C LEU C 289 6.93 -24.31 19.67
N LEU C 290 5.89 -23.84 18.98
CA LEU C 290 5.66 -24.19 17.58
C LEU C 290 5.21 -22.92 16.85
N LEU C 291 6.18 -22.19 16.31
CA LEU C 291 5.86 -20.98 15.56
C LEU C 291 5.21 -21.36 14.23
N ALA C 292 4.22 -20.57 13.82
CA ALA C 292 3.49 -20.85 12.58
C ALA C 292 3.06 -19.54 11.95
N GLY C 293 3.53 -19.29 10.73
CA GLY C 293 3.11 -18.11 10.01
C GLY C 293 1.72 -18.28 9.42
N TYR C 294 1.01 -17.16 9.29
CA TYR C 294 -0.35 -17.18 8.78
C TYR C 294 -0.53 -16.17 7.66
N ASP C 295 -1.73 -16.13 7.09
CA ASP C 295 -2.07 -15.15 6.06
C ASP C 295 -2.64 -13.87 6.63
N ASP C 296 -2.82 -13.79 7.95
CA ASP C 296 -3.31 -12.59 8.61
C ASP C 296 -2.23 -11.54 8.80
N PHE C 297 -1.07 -11.70 8.15
CA PHE C 297 0.06 -10.79 8.25
C PHE C 297 0.83 -10.95 9.55
N ASN C 298 0.41 -11.93 10.35
CA ASN C 298 1.06 -12.19 11.63
C ASN C 298 1.21 -13.68 11.87
N CYS C 299 2.27 -14.08 12.55
CA CYS C 299 2.48 -15.48 12.87
C CYS C 299 2.30 -15.70 14.37
N ASN C 300 1.49 -16.69 14.73
CA ASN C 300 1.25 -16.99 16.13
C ASN C 300 2.34 -17.89 16.68
N VAL C 301 2.43 -17.94 18.00
CA VAL C 301 3.40 -18.78 18.71
C VAL C 301 2.58 -19.78 19.52
N TRP C 302 2.33 -20.94 18.94
CA TRP C 302 1.52 -21.95 19.60
C TRP C 302 2.36 -22.72 20.61
N ASP C 303 1.67 -23.38 21.54
CA ASP C 303 2.32 -24.25 22.53
C ASP C 303 2.10 -25.69 22.12
N ALA C 304 3.19 -26.45 22.04
CA ALA C 304 3.13 -27.80 21.51
C ALA C 304 2.36 -28.77 22.40
N LEU C 305 2.04 -28.38 23.63
CA LEU C 305 1.33 -29.29 24.53
C LEU C 305 0.06 -28.66 25.05
N LYS C 306 -0.01 -27.33 25.09
CA LYS C 306 -1.20 -26.62 25.53
C LYS C 306 -2.13 -26.24 24.40
N ALA C 307 -1.62 -26.14 23.17
CA ALA C 307 -2.44 -25.74 22.02
C ALA C 307 -3.07 -24.37 22.24
N ASP C 308 -2.36 -23.51 22.97
CA ASP C 308 -2.83 -22.17 23.28
C ASP C 308 -1.82 -21.16 22.77
N ARG C 309 -2.31 -20.08 22.15
CA ARG C 309 -1.41 -19.05 21.64
C ARG C 309 -0.67 -18.40 22.80
N ALA C 310 0.63 -18.67 22.91
CA ALA C 310 1.46 -18.08 23.94
C ALA C 310 2.12 -16.78 23.48
N GLY C 311 1.62 -16.18 22.39
CA GLY C 311 2.20 -14.96 21.87
C GLY C 311 1.99 -14.82 20.38
N VAL C 312 1.70 -13.60 19.92
CA VAL C 312 1.47 -13.35 18.50
C VAL C 312 2.51 -12.39 17.95
N LEU C 313 3.20 -12.79 16.89
CA LEU C 313 4.25 -11.96 16.33
C LEU C 313 3.74 -11.28 15.08
N ALA C 314 3.34 -10.02 15.21
CA ALA C 314 2.82 -9.29 14.06
C ALA C 314 3.97 -8.66 13.27
N GLY C 315 4.01 -7.33 13.25
CA GLY C 315 5.08 -6.65 12.57
C GLY C 315 4.96 -6.60 11.06
N HIS C 316 4.52 -7.70 10.44
CA HIS C 316 4.49 -7.71 8.98
C HIS C 316 3.17 -7.15 8.46
N ASP C 317 3.19 -6.52 7.29
CA ASP C 317 1.98 -5.91 6.75
C ASP C 317 1.43 -6.71 5.59
N ASN C 318 2.05 -7.83 5.26
CA ASN C 318 1.58 -8.75 4.25
C ASN C 318 1.79 -10.18 4.75
N ARG C 319 1.23 -11.14 4.02
CA ARG C 319 1.27 -12.52 4.46
C ARG C 319 2.71 -12.99 4.62
N VAL C 320 2.97 -13.69 5.73
CA VAL C 320 4.30 -14.23 5.98
C VAL C 320 4.47 -15.50 5.17
N SER C 321 5.62 -15.62 4.50
CA SER C 321 5.89 -16.74 3.63
C SER C 321 6.95 -17.70 4.16
N CYS C 322 7.88 -17.23 4.98
CA CYS C 322 8.95 -18.07 5.50
C CYS C 322 9.13 -17.85 6.99
N LEU C 323 9.37 -18.93 7.72
CA LEU C 323 9.54 -18.88 9.17
C LEU C 323 10.64 -19.87 9.54
N GLY C 324 11.77 -19.35 10.02
CA GLY C 324 12.91 -20.18 10.38
C GLY C 324 13.35 -19.92 11.81
N VAL C 325 13.92 -20.94 12.44
CA VAL C 325 14.47 -20.85 13.78
C VAL C 325 15.93 -21.26 13.74
N THR C 326 16.79 -20.45 14.34
CA THR C 326 18.22 -20.71 14.30
C THR C 326 18.52 -22.11 14.87
N ASP C 327 19.69 -22.63 14.52
CA ASP C 327 20.09 -23.95 15.00
C ASP C 327 20.17 -23.96 16.52
N ASP C 328 20.73 -22.91 17.11
CA ASP C 328 20.81 -22.79 18.57
C ASP C 328 19.55 -22.23 19.19
N GLY C 329 18.57 -21.81 18.37
CA GLY C 329 17.31 -21.31 18.88
C GLY C 329 17.36 -19.92 19.46
N MET C 330 18.47 -19.19 19.29
CA MET C 330 18.58 -17.86 19.88
C MET C 330 17.57 -16.90 19.28
N ALA C 331 17.39 -16.93 17.96
CA ALA C 331 16.54 -15.98 17.28
C ALA C 331 15.62 -16.70 16.32
N VAL C 332 14.59 -15.98 15.85
CA VAL C 332 13.61 -16.49 14.90
C VAL C 332 13.47 -15.49 13.78
N ALA C 333 13.52 -15.96 12.54
CA ALA C 333 13.43 -15.11 11.36
C ALA C 333 12.10 -15.34 10.66
N THR C 334 11.45 -14.25 10.27
CA THR C 334 10.18 -14.28 9.56
C THR C 334 10.26 -13.40 8.33
N GLY C 335 9.88 -13.92 7.18
CA GLY C 335 9.90 -13.13 5.97
C GLY C 335 8.51 -13.03 5.40
N SER C 336 8.21 -11.94 4.72
CA SER C 336 6.86 -11.74 4.23
C SER C 336 6.81 -11.13 2.88
N TRP C 337 5.62 -11.13 2.29
CA TRP C 337 5.46 -10.58 0.96
C TRP C 337 5.61 -9.07 0.99
N ASP C 338 6.28 -8.56 2.01
CA ASP C 338 6.51 -7.13 2.11
C ASP C 338 7.98 -6.79 1.93
N SER C 339 8.77 -7.74 1.48
CA SER C 339 10.19 -7.50 1.22
C SER C 339 11.02 -7.21 2.47
N PHE C 340 10.60 -7.69 3.62
CA PHE C 340 11.29 -7.41 4.86
C PHE C 340 11.45 -8.70 5.67
N LEU C 341 12.59 -8.84 6.31
CA LEU C 341 12.85 -9.95 7.22
C LEU C 341 12.93 -9.42 8.64
N LYS C 342 12.17 -10.00 9.55
CA LYS C 342 12.21 -9.57 10.91
C LYS C 342 12.80 -10.67 11.75
N ILE C 343 13.71 -10.34 12.63
CA ILE C 343 14.34 -11.29 13.53
C ILE C 343 13.79 -11.06 14.92
N TRP C 344 13.30 -12.07 15.59
CA TRP C 344 12.68 -11.92 16.88
C TRP C 344 13.44 -12.76 17.87
N ASN C 345 14.10 -12.14 18.84
CA ASN C 345 14.93 -12.87 19.79
C ASN C 345 14.07 -13.19 20.98
N ALA D 6 -5.37 -50.01 -18.58
CA ALA D 6 -5.94 -48.73 -18.15
C ALA D 6 -5.40 -48.34 -16.77
N SER D 7 -6.29 -48.30 -15.79
CA SER D 7 -5.94 -47.94 -14.42
C SER D 7 -5.65 -49.17 -13.56
N ILE D 8 -5.64 -50.36 -14.14
CA ILE D 8 -5.38 -51.57 -13.36
C ILE D 8 -4.00 -51.51 -12.73
N ALA D 9 -2.99 -51.09 -13.51
CA ALA D 9 -1.63 -51.00 -12.96
C ALA D 9 -1.56 -50.00 -11.83
N GLN D 10 -2.22 -48.84 -11.98
CA GLN D 10 -2.20 -47.85 -10.92
C GLN D 10 -2.86 -48.37 -9.65
N ALA D 11 -4.00 -49.06 -9.80
CA ALA D 11 -4.66 -49.62 -8.63
C ALA D 11 -3.81 -50.68 -7.96
N ARG D 12 -3.15 -51.53 -8.76
CA ARG D 12 -2.28 -52.56 -8.18
C ARG D 12 -1.12 -51.92 -7.43
N LYS D 13 -0.51 -50.88 -8.00
CA LYS D 13 0.57 -50.19 -7.30
C LYS D 13 0.08 -49.56 -6.01
N LEU D 14 -1.10 -48.94 -6.05
CA LEU D 14 -1.66 -48.32 -4.86
C LEU D 14 -1.90 -49.35 -3.76
N VAL D 15 -2.46 -50.50 -4.12
CA VAL D 15 -2.71 -51.54 -3.12
C VAL D 15 -1.39 -52.10 -2.58
N GLU D 16 -0.41 -52.32 -3.46
CA GLU D 16 0.87 -52.85 -3.00
C GLU D 16 1.54 -51.89 -2.02
N GLN D 17 1.50 -50.59 -2.33
CA GLN D 17 2.05 -49.61 -1.40
C GLN D 17 1.23 -49.54 -0.11
N LEU D 18 -0.08 -49.72 -0.21
CA LEU D 18 -0.94 -49.57 0.95
C LEU D 18 -0.77 -50.69 1.97
N LYS D 19 -0.28 -51.87 1.55
CA LYS D 19 -0.10 -52.95 2.51
C LYS D 19 1.02 -52.61 3.48
N MET D 20 1.97 -51.79 3.06
CA MET D 20 2.87 -51.16 4.02
C MET D 20 2.07 -50.21 4.91
N GLU D 21 2.72 -49.71 5.95
CA GLU D 21 2.08 -48.76 6.86
C GLU D 21 0.96 -49.42 7.67
N ALA D 22 0.84 -50.74 7.52
CA ALA D 22 -0.14 -51.49 8.28
C ALA D 22 0.46 -52.59 9.14
N ASN D 23 1.77 -52.84 9.05
CA ASN D 23 2.46 -53.81 9.92
C ASN D 23 3.69 -53.12 10.51
N ILE D 24 3.46 -52.39 11.61
CA ILE D 24 4.51 -51.63 12.28
C ILE D 24 4.28 -51.72 13.79
N ASP D 25 5.32 -51.58 14.61
CA ASP D 25 5.07 -51.54 16.05
C ASP D 25 4.41 -50.22 16.42
N ARG D 26 3.11 -50.13 16.24
CA ARG D 26 2.39 -48.92 16.61
C ARG D 26 2.31 -48.91 18.12
N ILE D 27 3.00 -47.98 18.77
CA ILE D 27 3.04 -47.97 20.22
C ILE D 27 1.80 -47.29 20.82
N LYS D 28 1.61 -47.41 22.14
CA LYS D 28 0.42 -46.81 22.74
C LYS D 28 0.52 -45.29 22.72
N VAL D 29 -0.63 -44.62 22.62
CA VAL D 29 -0.63 -43.16 22.55
C VAL D 29 -0.03 -42.56 23.82
N SER D 30 -0.35 -43.13 24.98
CA SER D 30 0.09 -42.54 26.24
C SER D 30 1.61 -42.47 26.31
N LYS D 31 2.30 -43.54 25.93
CA LYS D 31 3.75 -43.54 25.96
C LYS D 31 4.33 -42.70 24.82
N ALA D 32 3.67 -42.68 23.66
CA ALA D 32 4.15 -41.91 22.52
C ALA D 32 4.12 -40.45 22.84
N ALA D 33 3.20 -40.07 23.70
CA ALA D 33 3.14 -38.68 24.14
C ALA D 33 3.86 -38.42 25.43
N ALA D 34 3.92 -39.40 26.33
CA ALA D 34 4.65 -39.23 27.58
C ALA D 34 6.15 -39.03 27.32
N ASP D 35 6.69 -39.80 26.37
CA ASP D 35 8.11 -39.66 26.03
C ASP D 35 8.38 -38.32 25.38
N LEU D 36 7.47 -37.87 24.54
CA LEU D 36 7.62 -36.56 23.92
C LEU D 36 7.58 -35.45 24.97
N MET D 37 6.67 -35.55 25.93
CA MET D 37 6.60 -34.56 27.01
C MET D 37 7.88 -34.57 27.84
N ALA D 38 8.40 -35.76 28.14
CA ALA D 38 9.64 -35.86 28.90
C ALA D 38 10.80 -35.23 28.15
N TYR D 39 10.89 -35.46 26.84
CA TYR D 39 11.93 -34.82 26.04
C TYR D 39 11.78 -33.31 26.01
N CYS D 40 10.54 -32.81 25.88
CA CYS D 40 10.34 -31.37 25.77
C CYS D 40 10.81 -30.63 27.02
N GLU D 41 10.58 -31.20 28.21
CA GLU D 41 10.99 -30.59 29.46
C GLU D 41 12.42 -30.95 29.84
N ALA D 42 13.06 -31.87 29.13
CA ALA D 42 14.44 -32.23 29.40
C ALA D 42 15.44 -31.27 28.77
N HIS D 43 15.01 -30.43 27.84
CA HIS D 43 15.87 -29.45 27.19
C HIS D 43 15.33 -28.03 27.35
N ALA D 44 14.57 -27.78 28.42
CA ALA D 44 13.98 -26.46 28.62
C ALA D 44 15.05 -25.42 28.96
N LYS D 45 16.08 -25.80 29.72
CA LYS D 45 17.11 -24.85 30.10
C LYS D 45 17.88 -24.35 28.88
N GLU D 46 18.21 -25.26 27.96
CA GLU D 46 18.99 -24.85 26.79
C GLU D 46 18.17 -24.03 25.81
N ASP D 47 16.85 -24.14 25.87
CA ASP D 47 16.00 -23.38 24.97
C ASP D 47 16.06 -21.90 25.32
N PRO D 48 16.44 -21.03 24.39
CA PRO D 48 16.53 -19.59 24.69
C PRO D 48 15.28 -18.78 24.35
N LEU D 49 14.20 -19.42 23.93
CA LEU D 49 12.96 -18.71 23.64
C LEU D 49 11.95 -18.77 24.78
N LEU D 50 11.82 -19.93 25.45
CA LEU D 50 10.94 -20.00 26.60
C LEU D 50 11.43 -19.11 27.72
N THR D 51 12.72 -19.21 28.05
CA THR D 51 13.31 -18.40 29.11
C THR D 51 14.21 -17.35 28.49
N PRO D 52 13.83 -16.08 28.49
CA PRO D 52 14.69 -15.05 27.90
C PRO D 52 16.05 -15.00 28.60
N VAL D 53 17.09 -14.77 27.81
CA VAL D 53 18.46 -14.70 28.33
C VAL D 53 18.82 -13.25 28.60
N PRO D 54 19.79 -12.98 29.47
CA PRO D 54 20.18 -11.59 29.72
C PRO D 54 20.71 -10.93 28.45
N ALA D 55 20.52 -9.60 28.38
CA ALA D 55 20.91 -8.87 27.19
C ALA D 55 22.38 -9.07 26.86
N SER D 56 23.22 -9.30 27.86
CA SER D 56 24.63 -9.57 27.60
C SER D 56 24.81 -10.87 26.83
N GLU D 57 24.03 -11.90 27.18
CA GLU D 57 24.20 -13.20 26.56
C GLU D 57 23.76 -13.18 25.09
N ASN D 58 22.54 -12.69 24.90
CA ASN D 58 21.99 -12.61 23.54
C ASN D 58 22.79 -11.74 22.55
N PRO D 59 23.10 -12.26 21.33
CA PRO D 59 23.88 -11.39 20.45
C PRO D 59 23.06 -10.38 19.67
N PHE D 60 21.74 -10.52 19.70
CA PHE D 60 20.90 -9.67 18.89
C PHE D 60 20.49 -8.39 19.59
N ARG D 61 20.95 -8.21 20.82
CA ARG D 61 20.66 -6.98 21.54
C ARG D 61 21.84 -6.58 22.39
N GLN E 3 -9.47 -38.45 6.95
CA GLN E 3 -9.16 -38.58 5.54
C GLN E 3 -10.32 -38.08 4.74
N VAL E 4 -10.13 -36.99 4.01
CA VAL E 4 -11.20 -36.55 3.11
C VAL E 4 -11.74 -37.69 2.27
N GLN E 5 -13.03 -37.96 2.36
CA GLN E 5 -13.66 -39.06 1.65
C GLN E 5 -14.97 -38.57 1.07
N LEU E 6 -15.09 -38.61 -0.26
CA LEU E 6 -16.30 -38.16 -0.97
C LEU E 6 -16.94 -39.32 -1.72
N GLN E 7 -17.98 -39.90 -1.17
CA GLN E 7 -18.66 -41.03 -1.77
C GLN E 7 -19.91 -40.57 -2.51
N GLU E 8 -20.32 -41.36 -3.50
CA GLU E 8 -21.47 -41.03 -4.33
C GLU E 8 -22.47 -42.18 -4.27
N SER E 9 -23.75 -41.84 -4.13
CA SER E 9 -24.84 -42.80 -4.15
C SER E 9 -25.89 -42.39 -5.17
N GLY E 10 -26.56 -43.39 -5.74
CA GLY E 10 -27.57 -43.14 -6.74
C GLY E 10 -27.02 -43.21 -8.15
N GLY E 11 -27.90 -42.86 -9.09
CA GLY E 11 -27.54 -42.92 -10.49
C GLY E 11 -27.62 -44.32 -11.07
N GLY E 12 -27.14 -44.44 -12.29
CA GLY E 12 -27.16 -45.71 -12.99
C GLY E 12 -27.68 -45.60 -14.41
N LEU E 13 -28.78 -46.26 -14.74
CA LEU E 13 -29.36 -46.15 -16.08
C LEU E 13 -30.79 -45.60 -16.14
N VAL E 14 -31.13 -44.93 -17.22
CA VAL E 14 -32.47 -44.35 -17.36
C VAL E 14 -32.86 -44.16 -18.80
N GLN E 15 -34.11 -43.74 -19.00
CA GLN E 15 -34.61 -43.50 -20.35
C GLN E 15 -34.80 -42.00 -20.55
N PRO E 16 -35.11 -41.55 -21.77
CA PRO E 16 -35.20 -40.10 -22.02
C PRO E 16 -36.25 -39.34 -21.22
N GLY E 17 -35.86 -38.69 -20.12
CA GLY E 17 -36.78 -37.87 -19.36
C GLY E 17 -36.99 -38.28 -17.93
N GLY E 18 -36.22 -39.24 -17.42
CA GLY E 18 -36.36 -39.70 -16.06
C GLY E 18 -35.77 -38.73 -15.06
N SER E 19 -35.93 -39.07 -13.78
CA SER E 19 -35.43 -38.24 -12.68
C SER E 19 -34.71 -39.13 -11.69
N LEU E 20 -33.51 -38.71 -11.29
CA LEU E 20 -32.72 -39.40 -10.27
C LEU E 20 -32.17 -38.38 -9.28
N ARG E 21 -32.20 -38.74 -8.00
CA ARG E 21 -31.67 -37.88 -6.93
C ARG E 21 -30.32 -38.44 -6.52
N LEU E 22 -29.26 -37.93 -7.14
CA LEU E 22 -27.91 -38.36 -6.82
C LEU E 22 -27.43 -37.69 -5.53
N SER E 23 -26.77 -38.46 -4.68
CA SER E 23 -26.31 -37.99 -3.37
C SER E 23 -24.80 -38.05 -3.31
N CYS E 24 -24.19 -37.03 -2.72
CA CYS E 24 -22.75 -36.98 -2.47
C CYS E 24 -22.56 -36.83 -0.97
N ALA E 25 -21.91 -37.82 -0.36
CA ALA E 25 -21.68 -37.85 1.07
C ALA E 25 -20.21 -37.56 1.35
N ALA E 26 -19.96 -36.60 2.23
CA ALA E 26 -18.61 -36.17 2.57
C ALA E 26 -18.29 -36.54 4.02
N SER E 27 -17.07 -37.05 4.22
CA SER E 27 -16.64 -37.43 5.57
C SER E 27 -15.15 -37.14 5.69
N GLY E 28 -14.83 -36.16 6.52
CA GLY E 28 -13.45 -35.75 6.68
C GLY E 28 -13.28 -34.26 6.63
N PHE E 29 -14.31 -33.55 6.22
CA PHE E 29 -14.22 -32.11 6.26
C PHE E 29 -15.48 -31.46 6.78
N THR E 30 -15.38 -30.23 7.24
CA THR E 30 -16.55 -29.52 7.69
C THR E 30 -17.31 -29.20 6.44
N PHE E 31 -18.43 -29.85 6.25
CA PHE E 31 -19.20 -29.74 5.02
C PHE E 31 -19.66 -28.31 4.77
N SER E 32 -20.10 -27.61 5.81
CA SER E 32 -20.73 -26.31 5.63
C SER E 32 -19.74 -25.23 5.21
N ASN E 33 -18.45 -25.42 5.44
CA ASN E 33 -17.47 -24.38 5.17
C ASN E 33 -16.89 -24.45 3.75
N TYR E 34 -17.36 -25.37 2.92
CA TYR E 34 -16.78 -25.51 1.60
C TYR E 34 -17.81 -25.35 0.50
N LYS E 35 -17.44 -24.67 -0.58
CA LYS E 35 -18.33 -24.52 -1.71
C LYS E 35 -18.18 -25.80 -2.46
N MET E 36 -19.28 -26.41 -2.88
CA MET E 36 -19.13 -27.69 -3.50
C MET E 36 -19.70 -27.74 -4.89
N ASN E 37 -18.90 -28.20 -5.83
CA ASN E 37 -19.33 -28.26 -7.20
C ASN E 37 -19.71 -29.65 -7.58
N TRP E 38 -20.07 -29.86 -8.83
CA TRP E 38 -20.36 -31.19 -9.34
C TRP E 38 -20.19 -31.16 -10.85
N VAL E 39 -19.23 -31.97 -11.31
CA VAL E 39 -18.85 -31.99 -12.71
C VAL E 39 -19.18 -33.31 -13.39
N ARG E 40 -19.16 -33.34 -14.71
CA ARG E 40 -19.47 -34.54 -15.47
C ARG E 40 -18.40 -34.76 -16.53
N GLN E 41 -18.14 -36.02 -16.83
CA GLN E 41 -17.12 -36.42 -17.82
C GLN E 41 -17.77 -37.43 -18.75
N ALA E 42 -18.00 -37.04 -19.99
CA ALA E 42 -18.59 -37.92 -20.99
C ALA E 42 -17.57 -38.93 -21.49
N PRO E 43 -18.03 -40.02 -22.09
CA PRO E 43 -17.09 -41.03 -22.62
C PRO E 43 -16.35 -40.51 -23.84
N GLY E 44 -15.05 -40.30 -23.70
CA GLY E 44 -14.21 -39.82 -24.78
C GLY E 44 -13.84 -38.35 -24.68
N LYS E 45 -14.40 -37.62 -23.73
CA LYS E 45 -14.14 -36.20 -23.57
C LYS E 45 -13.64 -35.92 -22.16
N GLY E 46 -13.16 -34.70 -21.95
CA GLY E 46 -12.63 -34.30 -20.66
C GLY E 46 -13.71 -33.87 -19.69
N LEU E 47 -13.30 -33.55 -18.47
CA LEU E 47 -14.25 -33.15 -17.44
C LEU E 47 -14.88 -31.82 -17.77
N GLU E 48 -16.19 -31.69 -17.57
CA GLU E 48 -16.86 -30.41 -17.78
C GLU E 48 -17.65 -30.06 -16.55
N TRP E 49 -17.54 -28.83 -16.08
CA TRP E 49 -18.27 -28.39 -14.90
C TRP E 49 -19.74 -28.43 -15.17
N VAL E 50 -20.54 -28.86 -14.20
CA VAL E 50 -21.96 -29.00 -14.50
C VAL E 50 -22.81 -28.16 -13.53
N SER E 51 -22.33 -27.96 -12.31
CA SER E 51 -23.10 -27.16 -11.36
C SER E 51 -22.23 -26.87 -10.14
N ASP E 52 -22.71 -25.97 -9.30
CA ASP E 52 -22.03 -25.60 -8.07
C ASP E 52 -23.06 -25.06 -7.08
N ILE E 53 -22.61 -24.81 -5.86
CA ILE E 53 -23.47 -24.26 -4.81
C ILE E 53 -22.58 -23.70 -3.73
N SER E 54 -23.04 -22.59 -3.12
CA SER E 54 -22.25 -21.90 -2.12
C SER E 54 -22.35 -22.64 -0.77
N GLN E 55 -21.62 -22.13 0.22
CA GLN E 55 -21.64 -22.75 1.54
C GLN E 55 -23.03 -22.72 2.15
N SER E 56 -23.71 -21.58 2.06
CA SER E 56 -25.05 -21.45 2.63
C SER E 56 -26.12 -22.02 1.72
N GLY E 57 -25.86 -22.13 0.42
CA GLY E 57 -26.85 -22.58 -0.53
C GLY E 57 -27.61 -21.50 -1.26
N ALA E 58 -27.22 -20.23 -1.08
CA ALA E 58 -27.91 -19.13 -1.75
C ALA E 58 -27.40 -18.96 -3.18
N SER E 59 -26.11 -18.70 -3.33
CA SER E 59 -25.53 -18.51 -4.66
C SER E 59 -25.45 -19.84 -5.38
N ILE E 60 -26.22 -19.98 -6.46
CA ILE E 60 -26.29 -21.21 -7.24
C ILE E 60 -26.02 -20.86 -8.69
N SER E 61 -25.14 -21.63 -9.33
CA SER E 61 -24.77 -21.41 -10.72
C SER E 61 -24.99 -22.69 -11.51
N TYR E 62 -25.35 -22.53 -12.78
CA TYR E 62 -25.67 -23.66 -13.65
C TYR E 62 -24.98 -23.50 -14.98
N THR E 63 -24.54 -24.63 -15.55
CA THR E 63 -24.01 -24.61 -16.91
C THR E 63 -25.15 -24.40 -17.90
N GLY E 64 -24.84 -23.71 -19.00
CA GLY E 64 -25.88 -23.37 -19.96
C GLY E 64 -26.56 -24.58 -20.57
N SER E 65 -25.82 -25.68 -20.74
CA SER E 65 -26.37 -26.84 -21.42
C SER E 65 -27.57 -27.41 -20.69
N VAL E 66 -27.50 -27.50 -19.36
CA VAL E 66 -28.55 -28.16 -18.59
C VAL E 66 -29.23 -27.16 -17.66
N LYS E 67 -29.21 -25.88 -18.03
CA LYS E 67 -29.86 -24.87 -17.22
C LYS E 67 -31.37 -25.07 -17.25
N GLY E 68 -32.00 -25.13 -16.09
CA GLY E 68 -33.44 -25.28 -16.06
C GLY E 68 -33.93 -26.69 -16.21
N ARG E 69 -33.06 -27.67 -15.98
CA ARG E 69 -33.49 -29.06 -16.03
C ARG E 69 -32.91 -29.83 -14.84
N PHE E 70 -31.97 -29.21 -14.13
CA PHE E 70 -31.34 -29.87 -12.99
C PHE E 70 -31.42 -29.00 -11.74
N THR E 71 -31.59 -29.59 -10.56
CA THR E 71 -31.60 -28.85 -9.31
C THR E 71 -30.48 -29.35 -8.41
N ILE E 72 -29.88 -28.44 -7.66
CA ILE E 72 -28.77 -28.78 -6.78
C ILE E 72 -28.99 -28.10 -5.44
N SER E 73 -28.69 -28.82 -4.36
CA SER E 73 -28.87 -28.29 -3.01
C SER E 73 -27.88 -28.98 -2.08
N ARG E 74 -27.67 -28.37 -0.92
CA ARG E 74 -26.80 -28.93 0.10
C ARG E 74 -27.53 -29.01 1.43
N ASP E 75 -27.36 -30.13 2.12
CA ASP E 75 -27.88 -30.33 3.47
C ASP E 75 -26.68 -30.34 4.40
N ASN E 76 -26.38 -29.18 5.01
CA ASN E 76 -25.25 -29.09 5.93
C ASN E 76 -25.47 -29.95 7.16
N ALA E 77 -26.70 -29.98 7.66
CA ALA E 77 -27.00 -30.81 8.84
C ALA E 77 -26.70 -32.28 8.59
N LYS E 78 -26.99 -32.79 7.40
CA LYS E 78 -26.67 -34.16 7.03
C LYS E 78 -25.35 -34.27 6.28
N ASN E 79 -24.66 -33.15 6.06
CA ASN E 79 -23.37 -33.14 5.38
C ASN E 79 -23.46 -33.86 4.03
N THR E 80 -24.48 -33.51 3.26
CA THR E 80 -24.75 -34.17 1.99
C THR E 80 -25.00 -33.13 0.91
N LEU E 81 -24.79 -33.54 -0.34
CA LEU E 81 -25.06 -32.70 -1.49
C LEU E 81 -26.00 -33.46 -2.42
N TYR E 82 -27.17 -32.89 -2.70
CA TYR E 82 -28.24 -33.55 -3.41
C TYR E 82 -28.41 -32.91 -4.78
N LEU E 83 -28.39 -33.72 -5.84
CA LEU E 83 -28.64 -33.24 -7.19
C LEU E 83 -29.84 -33.99 -7.76
N GLN E 84 -30.94 -33.27 -8.00
CA GLN E 84 -32.11 -33.83 -8.64
C GLN E 84 -31.98 -33.63 -10.14
N MET E 85 -31.84 -34.72 -10.88
CA MET E 85 -31.68 -34.70 -12.31
C MET E 85 -33.02 -35.01 -12.97
N ASN E 86 -33.46 -34.15 -13.88
CA ASN E 86 -34.74 -34.35 -14.54
C ASN E 86 -34.67 -34.23 -16.05
N SER E 87 -35.77 -34.50 -16.73
CA SER E 87 -35.81 -34.40 -18.19
C SER E 87 -34.50 -34.82 -18.82
N LEU E 88 -34.13 -36.07 -18.64
CA LEU E 88 -32.84 -36.51 -19.15
C LEU E 88 -32.71 -36.38 -20.64
N LYS E 89 -31.48 -36.33 -21.13
CA LYS E 89 -31.25 -36.16 -22.55
C LYS E 89 -30.20 -37.16 -23.01
N PRO E 90 -30.26 -37.57 -24.29
CA PRO E 90 -29.33 -38.61 -24.75
C PRO E 90 -27.86 -38.27 -24.56
N GLU E 91 -27.47 -37.00 -24.71
CA GLU E 91 -26.09 -36.59 -24.56
C GLU E 91 -25.72 -36.32 -23.11
N ASP E 92 -26.49 -36.82 -22.15
CA ASP E 92 -26.19 -36.67 -20.73
C ASP E 92 -25.51 -37.91 -20.16
N THR E 93 -25.13 -38.86 -21.02
CA THR E 93 -24.48 -40.09 -20.57
C THR E 93 -23.02 -39.79 -20.28
N ALA E 94 -22.64 -39.89 -19.01
CA ALA E 94 -21.27 -39.63 -18.58
C ALA E 94 -21.15 -40.07 -17.12
N VAL E 95 -19.98 -39.82 -16.55
CA VAL E 95 -19.71 -40.10 -15.14
C VAL E 95 -19.71 -38.78 -14.39
N TYR E 96 -20.51 -38.68 -13.34
CA TYR E 96 -20.66 -37.46 -12.56
C TYR E 96 -19.80 -37.54 -11.31
N TYR E 97 -18.95 -36.55 -11.12
CA TYR E 97 -18.02 -36.50 -10.00
C TYR E 97 -18.41 -35.33 -9.09
N CYS E 98 -18.63 -35.64 -7.82
CA CYS E 98 -18.91 -34.61 -6.83
C CYS E 98 -17.59 -34.00 -6.37
N ALA E 99 -17.39 -32.72 -6.65
CA ALA E 99 -16.13 -32.09 -6.33
C ALA E 99 -16.25 -31.09 -5.20
N ARG E 100 -15.15 -30.81 -4.52
CA ARG E 100 -15.18 -29.88 -3.43
C ARG E 100 -14.14 -28.85 -3.73
N CYS E 101 -14.44 -27.58 -3.50
CA CYS E 101 -13.48 -26.55 -3.72
C CYS E 101 -12.33 -26.74 -2.77
N PRO E 102 -11.12 -26.49 -3.24
CA PRO E 102 -10.00 -26.78 -2.37
C PRO E 102 -9.83 -25.99 -1.08
N ALA E 103 -10.26 -24.74 -1.01
CA ALA E 103 -9.97 -23.95 0.19
C ALA E 103 -11.23 -23.54 0.90
N PRO E 104 -11.21 -23.52 2.24
CA PRO E 104 -12.38 -23.05 2.99
C PRO E 104 -12.61 -21.56 2.80
N PHE E 105 -13.87 -21.16 2.90
CA PHE E 105 -14.24 -19.74 2.91
C PHE E 105 -13.67 -19.02 1.69
N THR E 106 -13.70 -19.67 0.54
CA THR E 106 -13.23 -19.08 -0.70
C THR E 106 -14.35 -19.04 -1.72
N ARG E 107 -14.36 -17.98 -2.51
CA ARG E 107 -15.38 -17.77 -3.54
C ARG E 107 -14.95 -18.29 -4.90
N ASP E 108 -13.75 -18.87 -5.01
CA ASP E 108 -13.28 -19.43 -6.27
C ASP E 108 -12.49 -20.71 -5.97
N CYS E 109 -12.45 -21.61 -6.96
CA CYS E 109 -11.71 -22.84 -6.82
C CYS E 109 -11.37 -23.37 -8.21
N PHE E 110 -10.46 -24.34 -8.26
CA PHE E 110 -9.98 -24.93 -9.53
C PHE E 110 -10.16 -26.45 -9.51
N ASP E 111 -11.35 -26.98 -9.77
CA ASP E 111 -11.62 -28.42 -9.64
C ASP E 111 -11.94 -29.30 -10.82
N VAL E 112 -11.99 -28.77 -12.02
CA VAL E 112 -12.39 -29.55 -13.18
C VAL E 112 -11.15 -30.06 -13.86
N THR E 113 -10.10 -30.28 -13.08
CA THR E 113 -8.84 -30.69 -13.65
C THR E 113 -8.84 -32.11 -14.11
N SER E 114 -7.66 -32.60 -14.43
CA SER E 114 -7.56 -33.96 -14.90
C SER E 114 -7.75 -34.94 -13.79
N THR E 115 -7.42 -36.20 -14.05
CA THR E 115 -7.54 -37.21 -13.03
C THR E 115 -6.88 -36.77 -11.76
N THR E 116 -5.96 -35.84 -11.86
CA THR E 116 -5.26 -35.35 -10.71
C THR E 116 -6.04 -34.34 -9.91
N TYR E 117 -6.97 -34.80 -9.08
CA TYR E 117 -7.66 -33.89 -8.19
C TYR E 117 -8.04 -34.68 -6.96
N ALA E 118 -7.33 -34.47 -5.86
CA ALA E 118 -7.55 -35.24 -4.65
C ALA E 118 -8.97 -35.08 -4.12
N TYR E 119 -9.45 -33.85 -4.02
CA TYR E 119 -10.77 -33.62 -3.38
C TYR E 119 -11.95 -33.81 -4.30
N ARG E 120 -12.00 -34.94 -5.01
CA ARG E 120 -13.12 -35.22 -5.90
C ARG E 120 -13.54 -36.65 -5.65
N GLY E 121 -14.83 -36.92 -5.77
CA GLY E 121 -15.35 -38.25 -5.55
C GLY E 121 -14.97 -39.22 -6.65
N GLN E 122 -15.09 -40.51 -6.33
CA GLN E 122 -14.76 -41.54 -7.29
C GLN E 122 -15.67 -41.51 -8.51
N GLY E 123 -16.87 -40.97 -8.37
CA GLY E 123 -17.78 -40.80 -9.48
C GLY E 123 -18.68 -42.00 -9.71
N THR E 124 -19.69 -41.80 -10.56
CA THR E 124 -20.63 -42.85 -10.91
C THR E 124 -21.02 -42.67 -12.37
N GLN E 125 -21.06 -43.76 -13.12
CA GLN E 125 -21.42 -43.72 -14.53
C GLN E 125 -22.93 -43.87 -14.67
N VAL E 126 -23.59 -42.83 -15.18
CA VAL E 126 -25.02 -42.85 -15.44
C VAL E 126 -25.24 -42.60 -16.92
N THR E 127 -26.10 -43.43 -17.52
CA THR E 127 -26.37 -43.33 -18.94
C THR E 127 -27.85 -43.24 -19.22
N VAL E 128 -28.20 -42.74 -20.39
CA VAL E 128 -29.59 -42.59 -20.77
C VAL E 128 -29.74 -42.97 -22.22
N SER E 129 -30.57 -43.97 -22.50
CA SER E 129 -30.78 -44.39 -23.87
C SER E 129 -32.10 -45.13 -24.01
N SER E 130 -32.24 -45.88 -25.09
CA SER E 130 -33.45 -46.66 -25.31
C SER E 130 -33.29 -48.07 -24.77
N GLN F 1 4.96 54.98 7.29
CA GLN F 1 5.49 55.73 6.16
C GLN F 1 5.53 57.23 6.46
N VAL F 2 4.61 57.68 7.31
CA VAL F 2 4.52 59.09 7.67
C VAL F 2 5.08 59.38 9.06
N MET F 3 5.30 58.37 9.89
CA MET F 3 5.85 58.62 11.22
C MET F 3 7.24 59.24 11.13
N ASP F 4 8.10 58.70 10.27
CA ASP F 4 9.42 59.30 10.08
C ASP F 4 9.29 60.70 9.50
N PHE F 5 8.41 60.88 8.52
CA PHE F 5 8.20 62.19 7.92
C PHE F 5 7.70 63.19 8.95
N LEU F 6 6.72 62.77 9.76
CA LEU F 6 6.18 63.66 10.78
C LEU F 6 7.24 64.00 11.82
N PHE F 7 8.04 63.01 12.22
CA PHE F 7 9.11 63.25 13.19
C PHE F 7 10.09 64.29 12.66
N GLU F 8 10.56 64.09 11.43
CA GLU F 8 11.51 65.02 10.84
C GLU F 8 10.90 66.41 10.69
N LYS F 9 9.65 66.47 10.25
CA LYS F 9 8.98 67.77 10.08
C LYS F 9 8.84 68.49 11.42
N TRP F 10 8.48 67.75 12.48
CA TRP F 10 8.37 68.38 13.79
C TRP F 10 9.71 68.89 14.28
N LYS F 11 10.77 68.12 14.09
CA LYS F 11 12.09 68.60 14.50
C LYS F 11 12.51 69.82 13.71
N LEU F 12 12.25 69.84 12.39
CA LEU F 12 12.58 70.99 11.59
C LEU F 12 11.79 72.22 12.03
N TYR F 13 10.49 72.04 12.29
CA TYR F 13 9.69 73.16 12.77
C TYR F 13 10.22 73.66 14.11
N GLY F 14 10.57 72.75 15.01
CA GLY F 14 11.04 73.16 16.32
C GLY F 14 12.33 73.94 16.27
N ASP F 15 13.32 73.43 15.50
CA ASP F 15 14.59 74.15 15.48
C ASP F 15 14.48 75.44 14.67
N GLN F 16 13.65 75.47 13.63
CA GLN F 16 13.39 76.72 12.94
C GLN F 16 12.74 77.74 13.87
N CYS F 17 11.87 77.28 14.77
CA CYS F 17 11.28 78.18 15.75
C CYS F 17 12.33 78.69 16.73
N HIS F 18 13.14 77.80 17.30
CA HIS F 18 14.20 78.24 18.20
C HIS F 18 15.13 79.22 17.50
N HIS F 19 15.30 79.10 16.18
CA HIS F 19 16.11 80.05 15.45
C HIS F 19 15.40 81.40 15.31
N ASN F 20 14.23 81.41 14.67
CA ASN F 20 13.54 82.67 14.43
C ASN F 20 12.95 83.24 15.72
N LEU F 21 12.38 82.40 16.58
CA LEU F 21 11.80 82.89 17.82
C LEU F 21 12.84 83.52 18.73
N SER F 22 14.11 83.12 18.60
CA SER F 22 15.16 83.74 19.40
C SER F 22 15.32 85.21 19.06
N LEU F 23 15.22 85.55 17.77
CA LEU F 23 15.39 86.94 17.32
C LEU F 23 14.08 87.72 17.48
N LEU F 24 13.54 87.66 18.70
CA LEU F 24 12.31 88.38 19.04
C LEU F 24 12.63 89.48 20.04
N PRO F 25 12.67 90.74 19.61
CA PRO F 25 12.97 91.83 20.54
C PRO F 25 11.97 91.87 21.68
N PRO F 26 12.41 92.17 22.89
CA PRO F 26 11.49 92.22 24.02
C PRO F 26 10.73 93.53 24.06
N PRO F 27 9.43 93.52 23.76
CA PRO F 27 8.66 94.77 23.80
C PRO F 27 8.56 95.32 25.21
N THR F 28 8.47 96.65 25.28
CA THR F 28 8.36 97.36 26.55
C THR F 28 6.95 97.35 27.11
N GLU F 29 5.96 96.88 26.35
CA GLU F 29 4.59 96.83 26.80
C GLU F 29 4.33 95.53 27.58
N LEU F 30 3.14 95.47 28.19
CA LEU F 30 2.74 94.30 28.95
C LEU F 30 2.37 93.19 27.98
N VAL F 31 3.36 92.36 27.64
CA VAL F 31 3.19 91.26 26.70
C VAL F 31 3.54 89.96 27.42
N CYS F 32 2.64 88.98 27.33
CA CYS F 32 2.91 87.68 27.91
C CYS F 32 4.18 87.08 27.30
N ASN F 33 5.01 86.51 28.15
CA ASN F 33 6.39 86.18 27.80
C ASN F 33 6.42 85.08 26.72
N ARG F 34 7.63 84.75 26.28
CA ARG F 34 7.85 83.74 25.25
C ARG F 34 7.46 82.38 25.79
N THR F 35 6.42 81.78 25.22
CA THR F 35 5.96 80.46 25.61
C THR F 35 5.87 79.56 24.38
N PHE F 36 6.28 78.30 24.56
CA PHE F 36 6.27 77.34 23.46
C PHE F 36 6.07 75.95 24.06
N ASP F 37 4.85 75.44 23.95
CA ASP F 37 4.51 74.13 24.53
C ASP F 37 4.73 73.00 23.51
N LYS F 38 5.92 72.99 22.91
CA LYS F 38 6.32 71.94 21.97
C LYS F 38 5.25 71.66 20.92
N TYR F 39 4.42 72.64 20.61
CA TYR F 39 3.35 72.45 19.64
C TYR F 39 3.43 73.47 18.51
N SER F 40 3.73 74.73 18.84
CA SER F 40 3.81 75.77 17.83
C SER F 40 4.43 77.04 18.39
N CYS F 41 5.36 77.64 17.65
CA CYS F 41 5.98 78.89 18.05
C CYS F 41 5.18 80.06 17.51
N TRP F 42 4.81 80.99 18.38
CA TRP F 42 4.01 82.14 18.02
C TRP F 42 4.64 83.42 18.58
N PRO F 43 4.50 84.54 17.88
CA PRO F 43 4.98 85.82 18.41
C PRO F 43 4.29 86.16 19.72
N ASP F 44 5.04 86.72 20.67
CA ASP F 44 4.46 87.12 21.93
C ASP F 44 3.40 88.20 21.72
N THR F 45 2.26 88.04 22.39
CA THR F 45 1.18 89.00 22.26
C THR F 45 0.93 89.70 23.59
N PRO F 46 0.42 90.93 23.56
CA PRO F 46 0.18 91.66 24.81
C PRO F 46 -0.82 90.94 25.70
N ALA F 47 -0.66 91.11 27.01
CA ALA F 47 -1.56 90.50 27.96
C ALA F 47 -3.02 90.86 27.63
N ASN F 48 -3.93 90.02 28.09
CA ASN F 48 -5.36 90.18 27.81
C ASN F 48 -5.67 90.06 26.33
N THR F 49 -4.81 89.39 25.56
CA THR F 49 -4.97 89.35 24.11
C THR F 49 -4.76 87.93 23.61
N THR F 50 -5.39 87.63 22.47
CA THR F 50 -5.28 86.33 21.84
C THR F 50 -4.60 86.48 20.48
N ALA F 51 -3.74 85.50 20.17
CA ALA F 51 -3.02 85.44 18.90
C ALA F 51 -3.68 84.37 18.03
N ASN F 52 -3.96 84.73 16.78
CA ASN F 52 -4.49 83.80 15.79
C ASN F 52 -3.34 83.31 14.90
N ILE F 53 -2.63 82.32 15.42
CA ILE F 53 -1.40 81.85 14.78
C ILE F 53 -1.72 80.71 13.84
N SER F 54 -1.11 80.73 12.66
CA SER F 54 -1.28 79.62 11.74
C SER F 54 -0.86 78.32 12.41
N CYS F 55 -1.71 77.30 12.27
CA CYS F 55 -1.44 76.05 12.95
C CYS F 55 -0.20 75.38 12.37
N PRO F 56 0.43 74.49 13.14
CA PRO F 56 1.74 73.95 12.72
C PRO F 56 1.66 73.29 11.36
N TRP F 57 2.74 73.46 10.58
CA TRP F 57 2.81 72.89 9.24
C TRP F 57 3.32 71.47 9.23
N TYR F 58 3.77 70.93 10.37
CA TYR F 58 4.27 69.56 10.43
C TYR F 58 3.17 68.53 10.58
N LEU F 59 1.92 68.95 10.70
CA LEU F 59 0.83 67.99 10.84
C LEU F 59 0.74 67.11 9.61
N PRO F 60 0.44 65.81 9.77
CA PRO F 60 0.34 64.94 8.59
C PRO F 60 -0.70 65.40 7.58
N TRP F 61 -1.79 66.01 8.04
CA TRP F 61 -2.86 66.47 7.17
C TRP F 61 -2.85 67.98 7.02
N HIS F 62 -1.68 68.61 7.18
CA HIS F 62 -1.59 70.06 7.00
C HIS F 62 -1.90 70.47 5.57
N HIS F 63 -1.58 69.60 4.60
CA HIS F 63 -1.76 69.92 3.19
C HIS F 63 -3.21 70.20 2.82
N LYS F 64 -4.15 70.01 3.75
CA LYS F 64 -5.56 70.27 3.51
C LYS F 64 -6.13 71.33 4.44
N VAL F 65 -5.30 71.91 5.32
CA VAL F 65 -5.78 72.88 6.30
C VAL F 65 -4.98 74.17 6.18
N GLN F 66 -4.53 74.49 4.96
CA GLN F 66 -3.75 75.71 4.74
C GLN F 66 -4.48 76.93 5.31
N HIS F 67 -5.79 77.00 5.11
CA HIS F 67 -6.58 78.17 5.50
C HIS F 67 -7.13 78.06 6.92
N ARG F 68 -6.48 77.31 7.79
CA ARG F 68 -6.91 77.16 9.18
C ARG F 68 -5.89 77.80 10.12
N PHE F 69 -6.37 78.18 11.30
CA PHE F 69 -5.55 78.84 12.30
C PHE F 69 -5.92 78.32 13.68
N VAL F 70 -5.13 78.73 14.67
CA VAL F 70 -5.37 78.36 16.07
C VAL F 70 -5.34 79.63 16.91
N PHE F 71 -6.33 79.78 17.78
CA PHE F 71 -6.51 80.98 18.59
C PHE F 71 -6.06 80.66 20.01
N LYS F 72 -4.98 81.28 20.47
CA LYS F 72 -4.51 81.10 21.83
C LYS F 72 -4.35 82.46 22.50
N ARG F 73 -5.00 82.64 23.65
CA ARG F 73 -5.06 83.93 24.32
C ARG F 73 -4.31 83.86 25.65
N CYS F 74 -3.50 84.87 25.92
CA CYS F 74 -2.86 85.05 27.22
C CYS F 74 -3.48 86.24 27.94
N GLY F 75 -3.72 86.09 29.23
CA GLY F 75 -4.49 87.03 30.00
C GLY F 75 -3.70 88.21 30.51
N PRO F 76 -4.29 88.96 31.46
CA PRO F 76 -3.67 90.20 31.91
C PRO F 76 -2.31 90.02 32.56
N ASP F 77 -2.07 88.89 33.23
CA ASP F 77 -0.83 88.66 33.96
C ASP F 77 0.30 88.13 33.06
N GLY F 78 0.19 88.33 31.75
CA GLY F 78 1.21 87.82 30.85
C GLY F 78 1.34 86.32 30.86
N GLN F 79 0.29 85.60 31.25
CA GLN F 79 0.32 84.15 31.31
C GLN F 79 -0.92 83.60 30.62
N TRP F 80 -0.78 82.41 30.05
CA TRP F 80 -1.88 81.76 29.35
C TRP F 80 -2.78 81.03 30.33
N VAL F 81 -3.91 80.53 29.83
CA VAL F 81 -4.86 79.82 30.66
C VAL F 81 -4.26 78.50 31.14
N ARG F 82 -4.68 78.07 32.32
CA ARG F 82 -4.19 76.84 32.93
C ARG F 82 -5.31 75.81 33.00
N GLY F 83 -4.98 74.57 32.67
CA GLY F 83 -5.94 73.49 32.65
C GLY F 83 -6.19 72.90 34.02
N PRO F 84 -6.50 71.61 34.08
CA PRO F 84 -6.75 70.97 35.38
C PRO F 84 -5.59 71.13 36.35
N ARG F 85 -4.37 71.05 35.85
CA ARG F 85 -3.16 71.26 36.67
C ARG F 85 -2.22 72.23 35.97
N GLY F 86 -2.78 73.10 35.13
CA GLY F 86 -2.00 74.05 34.37
C GLY F 86 -1.87 73.76 32.89
N GLN F 87 -2.69 72.88 32.34
CA GLN F 87 -2.61 72.56 30.93
C GLN F 87 -3.21 73.69 30.10
N PRO F 88 -2.43 74.35 29.24
CA PRO F 88 -3.01 75.35 28.36
C PRO F 88 -3.92 74.72 27.31
N TRP F 89 -4.90 75.49 26.87
CA TRP F 89 -5.79 75.08 25.78
C TRP F 89 -5.38 75.76 24.48
N ARG F 90 -5.28 74.96 23.43
CA ARG F 90 -4.97 75.46 22.09
C ARG F 90 -6.16 75.18 21.18
N ASP F 91 -6.60 76.20 20.46
CA ASP F 91 -7.76 76.07 19.57
C ASP F 91 -7.31 75.47 18.23
N ALA F 92 -6.92 74.20 18.30
CA ALA F 92 -6.46 73.45 17.14
C ALA F 92 -7.53 72.53 16.59
N SER F 93 -8.79 72.69 17.02
CA SER F 93 -9.85 71.82 16.56
C SER F 93 -10.08 71.92 15.06
N GLN F 94 -9.68 73.03 14.44
CA GLN F 94 -9.86 73.21 13.00
C GLN F 94 -8.71 72.65 12.18
N CYS F 95 -7.55 72.44 12.78
CA CYS F 95 -6.42 71.81 12.10
C CYS F 95 -6.21 70.36 12.51
N GLN F 96 -7.14 69.79 13.28
CA GLN F 96 -7.08 68.41 13.72
C GLN F 96 -8.02 67.56 12.85
N MET F 97 -8.20 66.30 13.25
CA MET F 97 -9.07 65.39 12.52
C MET F 97 -10.43 66.01 12.27
N ASP F 98 -10.85 66.04 11.00
CA ASP F 98 -12.19 66.47 10.67
C ASP F 98 -13.20 65.42 11.11
N GLY F 99 -14.46 65.84 11.22
CA GLY F 99 -15.49 64.99 11.79
C GLY F 99 -15.74 63.70 11.02
N GLU F 100 -15.24 63.59 9.79
CA GLU F 100 -15.56 62.44 8.96
C GLU F 100 -14.48 61.37 8.94
N GLU F 101 -13.23 61.70 9.28
CA GLU F 101 -12.17 60.70 9.24
C GLU F 101 -12.18 59.77 10.46
N ILE F 102 -12.58 60.26 11.63
CA ILE F 102 -12.49 59.45 12.83
C ILE F 102 -13.36 58.20 12.71
N GLU F 103 -14.62 58.37 12.33
CA GLU F 103 -15.51 57.22 12.27
C GLU F 103 -15.06 56.24 11.19
N VAL F 104 -14.67 56.74 10.02
CA VAL F 104 -14.24 55.85 8.93
C VAL F 104 -13.01 55.07 9.35
N GLN F 105 -12.07 55.73 10.03
CA GLN F 105 -10.95 55.01 10.60
C GLN F 105 -11.42 53.95 11.59
N LYS F 106 -12.51 54.24 12.31
CA LYS F 106 -13.06 53.24 13.21
C LYS F 106 -13.52 52.00 12.44
N GLU F 107 -14.25 52.19 11.33
CA GLU F 107 -14.67 51.00 10.57
C GLU F 107 -13.48 50.27 9.99
N VAL F 108 -12.47 51.01 9.50
CA VAL F 108 -11.31 50.35 8.93
C VAL F 108 -10.58 49.53 9.99
N ALA F 109 -10.55 50.04 11.20
CA ALA F 109 -9.90 49.35 12.28
C ALA F 109 -10.66 48.10 12.58
N LYS F 110 -11.96 48.24 12.70
CA LYS F 110 -12.80 47.09 13.00
C LYS F 110 -12.63 45.99 11.96
N MET F 111 -12.62 46.37 10.68
CA MET F 111 -12.43 45.38 9.62
C MET F 111 -11.06 44.71 9.73
N TYR F 112 -10.02 45.49 9.96
CA TYR F 112 -8.68 44.93 10.01
C TYR F 112 -8.61 43.96 11.15
N SER F 113 -9.29 44.28 12.23
CA SER F 113 -9.22 43.42 13.40
C SER F 113 -9.95 42.15 13.11
N SER F 114 -11.15 42.24 12.58
CA SER F 114 -11.92 41.06 12.23
C SER F 114 -11.12 40.14 11.32
N PHE F 115 -10.46 40.71 10.30
CA PHE F 115 -9.64 39.89 9.41
C PHE F 115 -8.51 39.23 10.17
N GLN F 116 -7.92 39.94 11.10
CA GLN F 116 -6.84 39.38 11.88
C GLN F 116 -7.31 38.20 12.68
N VAL F 117 -8.47 38.30 13.31
CA VAL F 117 -8.90 37.20 14.15
C VAL F 117 -9.22 36.06 13.22
N MET F 118 -9.80 36.37 12.08
CA MET F 118 -10.21 35.29 11.19
C MET F 118 -9.02 34.47 10.72
N TYR F 119 -7.94 35.12 10.29
CA TYR F 119 -6.85 34.30 9.78
C TYR F 119 -5.96 33.78 10.90
N THR F 120 -5.96 34.41 12.06
CA THR F 120 -5.17 33.88 13.16
C THR F 120 -5.80 32.59 13.66
N VAL F 121 -7.11 32.51 13.59
CA VAL F 121 -7.77 31.28 13.99
C VAL F 121 -7.40 30.23 12.99
N GLY F 122 -7.58 30.52 11.71
CA GLY F 122 -7.27 29.56 10.67
C GLY F 122 -5.85 29.04 10.74
N TYR F 123 -4.89 29.95 10.95
CA TYR F 123 -3.50 29.53 11.07
C TYR F 123 -3.29 28.64 12.30
N SER F 124 -3.94 28.98 13.39
CA SER F 124 -3.79 28.20 14.60
C SER F 124 -4.26 26.80 14.38
N LEU F 125 -5.40 26.64 13.76
CA LEU F 125 -5.94 25.31 13.56
C LEU F 125 -5.14 24.56 12.51
N SER F 126 -4.73 25.25 11.45
CA SER F 126 -3.89 24.60 10.45
C SER F 126 -2.60 24.09 11.06
N LEU F 127 -1.97 24.87 11.93
CA LEU F 127 -0.75 24.43 12.59
C LEU F 127 -1.02 23.23 13.47
N GLY F 128 -2.12 23.26 14.23
CA GLY F 128 -2.45 22.14 15.09
C GLY F 128 -2.66 20.86 14.31
N ALA F 129 -3.36 20.95 13.18
CA ALA F 129 -3.58 19.76 12.36
C ALA F 129 -2.29 19.30 11.68
N LEU F 130 -1.48 20.25 11.21
CA LEU F 130 -0.28 19.92 10.48
C LEU F 130 0.76 19.25 11.37
N LEU F 131 0.87 19.68 12.62
CA LEU F 131 1.81 19.03 13.53
C LEU F 131 1.46 17.55 13.70
N LEU F 132 0.19 17.26 13.93
CA LEU F 132 -0.24 15.87 14.06
C LEU F 132 -0.04 15.10 12.77
N ALA F 133 -0.34 15.72 11.63
CA ALA F 133 -0.16 15.04 10.36
C ALA F 133 1.31 14.70 10.12
N LEU F 134 2.21 15.65 10.41
CA LEU F 134 3.63 15.38 10.25
C LEU F 134 4.10 14.29 11.19
N ALA F 135 3.63 14.30 12.44
CA ALA F 135 3.99 13.25 13.36
C ALA F 135 3.55 11.89 12.85
N ILE F 136 2.31 11.80 12.36
CA ILE F 136 1.81 10.53 11.84
C ILE F 136 2.64 10.08 10.64
N LEU F 137 2.94 11.01 9.72
CA LEU F 137 3.70 10.65 8.54
C LEU F 137 5.10 10.16 8.90
N GLY F 138 5.76 10.84 9.83
CA GLY F 138 7.14 10.50 10.17
C GLY F 138 7.29 9.50 11.29
N GLY F 139 6.18 8.96 11.79
CA GLY F 139 6.26 7.99 12.86
C GLY F 139 5.55 6.69 12.58
N LEU F 140 5.26 6.42 11.31
CA LEU F 140 4.56 5.18 10.94
C LEU F 140 5.23 4.50 9.75
N SER F 141 4.64 3.41 9.28
CA SER F 141 5.24 2.60 8.23
C SER F 141 4.96 3.12 6.83
N LYS F 142 4.15 4.15 6.66
CA LYS F 142 3.85 4.72 5.34
C LYS F 142 4.87 5.74 4.91
N LEU F 143 5.78 6.12 5.80
CA LEU F 143 6.72 7.19 5.50
C LEU F 143 7.67 6.86 4.36
N HIS F 144 7.92 5.58 4.10
CA HIS F 144 8.86 5.18 3.07
C HIS F 144 8.18 5.17 1.70
N CYS F 145 7.54 6.29 1.39
CA CYS F 145 6.88 6.49 0.11
C CYS F 145 7.25 7.86 -0.44
N THR F 146 7.56 7.90 -1.74
CA THR F 146 7.95 9.17 -2.36
C THR F 146 6.81 10.19 -2.32
N ARG F 147 5.57 9.76 -2.55
CA ARG F 147 4.44 10.68 -2.50
C ARG F 147 4.31 11.32 -1.13
N ASN F 148 4.36 10.51 -0.07
CA ASN F 148 4.27 11.06 1.28
C ASN F 148 5.45 11.96 1.60
N ALA F 149 6.60 11.71 0.99
CA ALA F 149 7.76 12.57 1.20
C ALA F 149 7.51 13.99 0.71
N ILE F 150 6.60 14.16 -0.24
CA ILE F 150 6.25 15.51 -0.72
C ILE F 150 5.15 16.12 0.13
N HIS F 151 4.20 15.31 0.59
CA HIS F 151 3.17 15.82 1.50
C HIS F 151 3.80 16.31 2.80
N ALA F 152 4.80 15.59 3.31
CA ALA F 152 5.48 16.03 4.52
C ALA F 152 6.13 17.39 4.32
N ASN F 153 6.81 17.58 3.19
CA ASN F 153 7.41 18.88 2.90
C ASN F 153 6.37 19.96 2.75
N LEU F 154 5.24 19.65 2.10
CA LEU F 154 4.17 20.64 1.97
C LEU F 154 3.63 21.04 3.33
N PHE F 155 3.41 20.07 4.22
CA PHE F 155 2.93 20.38 5.56
C PHE F 155 3.94 21.21 6.33
N ALA F 156 5.23 20.88 6.19
CA ALA F 156 6.26 21.68 6.85
C ALA F 156 6.26 23.11 6.34
N SER F 157 6.09 23.30 5.02
CA SER F 157 6.04 24.63 4.47
C SER F 157 4.83 25.40 4.99
N PHE F 158 3.68 24.73 5.06
CA PHE F 158 2.48 25.38 5.60
C PHE F 158 2.69 25.79 7.05
N VAL F 159 3.29 24.91 7.85
CA VAL F 159 3.54 25.22 9.25
C VAL F 159 4.49 26.41 9.37
N LEU F 160 5.55 26.42 8.56
CA LEU F 160 6.49 27.53 8.59
C LEU F 160 5.80 28.83 8.23
N LYS F 161 4.98 28.82 7.18
CA LYS F 161 4.28 30.04 6.78
C LYS F 161 3.37 30.54 7.88
N ALA F 162 2.58 29.64 8.47
CA ALA F 162 1.65 30.05 9.51
C ALA F 162 2.39 30.61 10.72
N SER F 163 3.43 29.92 11.17
CA SER F 163 4.20 30.38 12.32
C SER F 163 4.86 31.73 12.06
N SER F 164 5.45 31.91 10.88
CA SER F 164 6.09 33.18 10.55
C SER F 164 5.09 34.32 10.47
N VAL F 165 3.92 34.08 9.87
CA VAL F 165 2.91 35.13 9.81
C VAL F 165 2.46 35.51 11.21
N LEU F 166 2.21 34.50 12.06
CA LEU F 166 1.81 34.77 13.43
C LEU F 166 2.88 35.53 14.21
N VAL F 167 4.15 35.19 14.02
CA VAL F 167 5.22 35.89 14.73
C VAL F 167 5.38 37.32 14.24
N ILE F 168 5.26 37.55 12.92
CA ILE F 168 5.37 38.91 12.41
C ILE F 168 4.22 39.77 12.90
N ASP F 169 3.00 39.21 12.93
CA ASP F 169 1.87 39.97 13.45
C ASP F 169 2.09 40.33 14.92
N GLY F 170 2.58 39.38 15.72
CA GLY F 170 2.85 39.67 17.11
C GLY F 170 3.92 40.74 17.29
N LEU F 171 4.98 40.66 16.48
CA LEU F 171 6.03 41.66 16.54
C LEU F 171 5.49 43.05 16.21
N LEU F 172 4.68 43.15 15.17
CA LEU F 172 4.10 44.44 14.81
C LEU F 172 3.19 44.95 15.93
N ARG F 173 2.39 44.09 16.50
CA ARG F 173 1.55 44.49 17.59
C ARG F 173 2.44 45.08 18.65
N THR F 174 3.38 44.29 19.14
CA THR F 174 4.21 44.72 20.27
C THR F 174 4.89 46.05 19.97
N ARG F 175 5.39 46.23 18.75
CA ARG F 175 6.07 47.47 18.40
C ARG F 175 5.13 48.66 18.35
N TYR F 176 3.88 48.45 17.95
CA TYR F 176 2.90 49.54 17.85
C TYR F 176 1.93 49.51 19.02
N SER F 177 2.43 49.13 20.20
CA SER F 177 1.62 49.08 21.41
C SER F 177 2.19 49.88 22.57
N GLN F 178 3.51 49.94 22.71
CA GLN F 178 4.10 50.68 23.82
C GLN F 178 3.79 52.17 23.69
N LYS F 179 3.55 52.81 24.84
CA LYS F 179 3.23 54.22 24.85
C LYS F 179 4.46 55.05 24.53
N ILE F 180 4.21 56.33 24.19
CA ILE F 180 5.30 57.27 23.87
C ILE F 180 5.34 58.34 24.95
N GLY F 181 6.21 58.16 25.93
CA GLY F 181 6.29 59.12 27.02
C GLY F 181 7.14 60.33 26.70
N ASP F 182 8.22 60.14 25.95
CA ASP F 182 9.13 61.25 25.70
C ASP F 182 9.53 61.39 24.25
N ASP F 183 10.32 62.41 23.96
CA ASP F 183 10.80 62.59 22.60
C ASP F 183 11.91 61.59 22.39
N LEU F 184 12.65 61.30 23.45
CA LEU F 184 13.69 60.30 23.34
C LEU F 184 13.07 58.94 23.16
N SER F 185 11.90 58.74 23.77
CA SER F 185 11.24 57.45 23.65
C SER F 185 10.90 57.17 22.19
N VAL F 186 10.40 58.18 21.49
CA VAL F 186 10.02 57.96 20.10
C VAL F 186 11.27 57.87 19.25
N SER F 187 12.32 58.59 19.63
CA SER F 187 13.56 58.47 18.90
C SER F 187 14.07 57.03 18.87
N THR F 188 14.19 56.38 20.03
CA THR F 188 14.69 55.01 20.07
C THR F 188 13.75 54.07 19.32
N TRP F 189 12.43 54.25 19.48
CA TRP F 189 11.49 53.42 18.77
C TRP F 189 11.61 53.59 17.26
N LEU F 190 11.82 54.82 16.80
CA LEU F 190 12.01 55.10 15.39
C LEU F 190 13.43 54.80 14.92
N SER F 191 14.33 54.46 15.83
CA SER F 191 15.70 54.13 15.47
C SER F 191 15.77 52.70 14.96
N ASP F 192 16.99 52.20 14.72
CA ASP F 192 17.20 50.86 14.20
C ASP F 192 17.45 49.83 15.30
N GLY F 193 17.38 50.22 16.57
CA GLY F 193 17.67 49.28 17.64
C GLY F 193 16.73 48.08 17.62
N ALA F 194 15.42 48.34 17.51
CA ALA F 194 14.44 47.28 17.42
C ALA F 194 14.09 46.91 15.98
N VAL F 195 14.66 47.63 15.00
CA VAL F 195 14.32 47.37 13.60
C VAL F 195 14.86 46.04 13.10
N ALA F 196 16.01 45.59 13.62
CA ALA F 196 16.63 44.39 13.08
C ALA F 196 15.72 43.18 13.23
N GLY F 197 15.11 43.01 14.40
CA GLY F 197 14.23 41.88 14.62
C GLY F 197 13.02 41.90 13.69
N CYS F 198 12.41 43.07 13.53
CA CYS F 198 11.26 43.18 12.65
C CYS F 198 11.65 42.90 11.20
N ARG F 199 12.81 43.38 10.78
CA ARG F 199 13.29 43.11 9.43
C ARG F 199 13.49 41.61 9.22
N VAL F 200 14.12 40.95 10.18
CA VAL F 200 14.35 39.52 10.07
C VAL F 200 13.03 38.77 10.01
N ALA F 201 12.07 39.16 10.85
CA ALA F 201 10.76 38.52 10.83
C ALA F 201 10.07 38.71 9.49
N ALA F 202 10.16 39.91 8.92
CA ALA F 202 9.55 40.15 7.62
C ALA F 202 10.19 39.30 6.53
N VAL F 203 11.53 39.20 6.54
CA VAL F 203 12.20 38.37 5.55
C VAL F 203 11.78 36.92 5.69
N PHE F 204 11.72 36.42 6.93
CA PHE F 204 11.30 35.05 7.15
C PHE F 204 9.88 34.83 6.67
N MET F 205 8.99 35.79 6.94
CA MET F 205 7.60 35.64 6.51
C MET F 205 7.49 35.59 4.99
N GLN F 206 8.20 36.48 4.29
CA GLN F 206 8.17 36.45 2.85
C GLN F 206 8.71 35.13 2.31
N TYR F 207 9.84 34.67 2.88
CA TYR F 207 10.41 33.41 2.41
C TYR F 207 9.45 32.25 2.63
N GLY F 208 8.79 32.21 3.79
CA GLY F 208 7.87 31.11 4.06
C GLY F 208 6.65 31.13 3.15
N ILE F 209 6.06 32.31 2.97
CA ILE F 209 4.86 32.42 2.15
C ILE F 209 5.16 32.35 0.66
N VAL F 210 6.43 32.41 0.26
CA VAL F 210 6.81 32.08 -1.11
C VAL F 210 7.14 30.61 -1.27
N ALA F 211 7.78 30.01 -0.27
CA ALA F 211 8.07 28.58 -0.31
C ALA F 211 6.81 27.75 -0.28
N ASN F 212 5.76 28.25 0.38
CA ASN F 212 4.49 27.53 0.35
C ASN F 212 3.96 27.40 -1.07
N TYR F 213 3.97 28.51 -1.82
CA TYR F 213 3.55 28.46 -3.22
C TYR F 213 4.49 27.60 -4.04
N CYS F 214 5.77 27.61 -3.75
CA CYS F 214 6.67 26.82 -4.54
C CYS F 214 6.41 25.35 -4.29
N TRP F 215 6.16 24.94 -3.06
CA TRP F 215 5.82 23.54 -2.83
C TRP F 215 4.46 23.16 -3.40
N LEU F 216 3.49 24.08 -3.41
CA LEU F 216 2.25 23.77 -4.11
C LEU F 216 2.53 23.49 -5.59
N LEU F 217 3.35 24.33 -6.21
CA LEU F 217 3.71 24.12 -7.61
C LEU F 217 4.48 22.81 -7.79
N VAL F 218 5.35 22.47 -6.84
CA VAL F 218 6.16 21.26 -6.93
C VAL F 218 5.25 20.09 -6.92
N GLU F 219 4.35 20.06 -5.96
CA GLU F 219 3.43 18.93 -5.85
C GLU F 219 2.57 18.81 -7.09
N GLY F 220 2.11 19.94 -7.64
CA GLY F 220 1.36 19.89 -8.89
C GLY F 220 2.19 19.29 -10.02
N LEU F 221 3.45 19.70 -10.13
CA LEU F 221 4.32 19.15 -11.17
C LEU F 221 4.53 17.65 -10.97
N TYR F 222 4.76 17.23 -9.73
CA TYR F 222 4.97 15.81 -9.46
C TYR F 222 3.74 15.00 -9.84
N LEU F 223 2.55 15.48 -9.48
CA LEU F 223 1.33 14.78 -9.85
C LEU F 223 1.16 14.74 -11.37
N HIS F 224 1.41 15.87 -12.03
CA HIS F 224 1.27 15.90 -13.49
C HIS F 224 2.26 14.98 -14.17
N ASN F 225 3.52 15.00 -13.74
CA ASN F 225 4.54 14.15 -14.34
C ASN F 225 4.34 12.68 -14.01
N LEU F 226 3.68 12.36 -12.90
CA LEU F 226 3.44 10.97 -12.52
C LEU F 226 2.30 10.33 -13.31
N LEU F 227 1.55 11.10 -14.09
CA LEU F 227 0.44 10.57 -14.86
C LEU F 227 0.72 10.48 -16.35
N GLY F 228 1.58 11.34 -16.88
CA GLY F 228 1.89 11.28 -18.30
C GLY F 228 2.65 10.01 -18.68
N LEU F 229 3.61 9.62 -17.87
CA LEU F 229 4.42 8.45 -18.18
C LEU F 229 3.61 7.17 -17.99
N ALA F 230 3.88 6.19 -18.84
CA ALA F 230 3.16 4.92 -18.78
C ALA F 230 3.64 4.06 -17.60
N THR F 231 4.92 3.71 -17.59
CA THR F 231 5.47 2.89 -16.53
C THR F 231 5.81 3.76 -15.32
N LEU F 232 6.05 3.11 -14.18
CA LEU F 232 6.38 3.82 -12.95
C LEU F 232 7.74 4.48 -13.12
N PRO F 233 7.98 5.57 -12.39
CA PRO F 233 9.25 6.26 -12.64
C PRO F 233 10.46 5.46 -12.21
N GLU F 234 11.55 5.58 -12.95
CA GLU F 234 12.77 4.90 -12.57
C GLU F 234 13.27 5.46 -11.26
N ARG F 235 13.56 6.76 -11.25
CA ARG F 235 14.04 7.40 -10.03
C ARG F 235 13.07 8.45 -9.54
N SER F 236 13.09 8.75 -8.25
CA SER F 236 12.14 9.68 -7.67
C SER F 236 12.44 11.15 -7.90
N PHE F 237 13.65 11.48 -8.32
CA PHE F 237 14.05 12.86 -8.60
C PHE F 237 13.78 13.77 -7.40
N PHE F 238 13.83 13.20 -6.20
CA PHE F 238 13.55 13.99 -4.99
C PHE F 238 14.56 15.12 -4.82
N SER F 239 15.77 14.96 -5.34
CA SER F 239 16.76 16.03 -5.27
C SER F 239 16.28 17.26 -6.02
N LEU F 240 15.61 17.05 -7.14
CA LEU F 240 15.11 18.16 -7.92
C LEU F 240 13.96 18.82 -7.21
N TYR F 241 13.09 18.03 -6.60
CA TYR F 241 11.91 18.60 -5.97
C TYR F 241 12.23 19.44 -4.76
N LEU F 242 13.16 19.01 -3.93
CA LEU F 242 13.56 19.80 -2.77
C LEU F 242 14.21 21.08 -3.21
N GLY F 243 14.87 21.06 -4.35
CA GLY F 243 15.55 22.23 -4.82
C GLY F 243 14.61 23.27 -5.38
N ILE F 244 13.50 22.84 -5.92
CA ILE F 244 12.57 23.79 -6.53
C ILE F 244 11.52 24.16 -5.49
N GLY F 245 11.55 23.50 -4.34
CA GLY F 245 10.61 23.80 -3.30
C GLY F 245 11.16 24.64 -2.19
N TRP F 246 12.31 24.24 -1.65
CA TRP F 246 12.89 24.97 -0.54
C TRP F 246 13.98 25.89 -1.01
N GLY F 247 14.36 25.81 -2.26
CA GLY F 247 15.49 26.58 -2.72
C GLY F 247 15.19 27.59 -3.80
N ALA F 248 14.16 27.36 -4.58
CA ALA F 248 13.77 28.35 -5.55
C ALA F 248 13.25 29.65 -4.95
N PRO F 249 12.52 29.58 -3.83
CA PRO F 249 12.15 30.88 -3.27
C PRO F 249 13.36 31.70 -2.95
N MET F 250 14.47 31.10 -2.58
CA MET F 250 15.66 31.81 -2.13
C MET F 250 16.15 32.80 -3.18
N LEU F 251 16.25 32.35 -4.43
CA LEU F 251 16.70 33.22 -5.51
C LEU F 251 15.72 34.34 -5.80
N PHE F 252 14.48 34.24 -5.29
CA PHE F 252 13.50 35.32 -5.43
C PHE F 252 13.35 36.14 -4.16
N VAL F 253 13.72 35.60 -3.01
CA VAL F 253 13.60 36.32 -1.75
C VAL F 253 14.84 37.16 -1.46
N VAL F 254 16.04 36.56 -1.59
CA VAL F 254 17.26 37.29 -1.29
C VAL F 254 17.40 38.54 -2.15
N PRO F 255 17.11 38.52 -3.46
CA PRO F 255 17.19 39.77 -4.22
C PRO F 255 16.25 40.83 -3.68
N TRP F 256 15.02 40.45 -3.33
CA TRP F 256 14.07 41.42 -2.78
C TRP F 256 14.58 41.99 -1.47
N ALA F 257 15.09 41.14 -0.58
CA ALA F 257 15.59 41.60 0.70
C ALA F 257 16.75 42.56 0.52
N VAL F 258 17.70 42.21 -0.34
CA VAL F 258 18.87 43.06 -0.55
C VAL F 258 18.45 44.39 -1.16
N VAL F 259 17.58 44.36 -2.18
CA VAL F 259 17.18 45.59 -2.84
C VAL F 259 16.41 46.49 -1.87
N LYS F 260 15.57 45.90 -1.02
CA LYS F 260 14.89 46.68 0.00
C LYS F 260 15.89 47.30 0.98
N CYS F 261 16.89 46.53 1.40
CA CYS F 261 17.90 47.05 2.31
C CYS F 261 18.68 48.19 1.69
N LEU F 262 18.85 48.18 0.36
CA LEU F 262 19.57 49.25 -0.31
C LEU F 262 18.71 50.49 -0.49
N PHE F 263 17.60 50.37 -1.23
CA PHE F 263 16.79 51.52 -1.62
C PHE F 263 15.63 51.77 -0.66
N GLU F 264 14.75 50.79 -0.50
CA GLU F 264 13.50 50.98 0.26
C GLU F 264 13.72 50.44 1.67
N ASN F 265 14.36 51.26 2.51
CA ASN F 265 14.60 50.93 3.91
C ASN F 265 13.67 51.74 4.79
N VAL F 266 12.44 51.25 4.94
CA VAL F 266 11.47 51.82 5.87
C VAL F 266 11.72 51.24 7.25
N GLN F 267 11.04 51.79 8.26
CA GLN F 267 11.27 51.35 9.64
C GLN F 267 11.23 49.83 9.74
N CYS F 268 10.22 49.20 9.14
CA CYS F 268 10.19 47.75 8.99
C CYS F 268 9.74 47.41 7.58
N TRP F 269 10.32 46.35 7.03
CA TRP F 269 10.10 45.98 5.64
C TRP F 269 8.68 45.47 5.37
N THR F 270 7.79 45.49 6.35
CA THR F 270 6.42 45.04 6.13
C THR F 270 5.65 45.96 5.18
N SER F 271 5.99 47.24 5.14
CA SER F 271 5.28 48.19 4.29
C SER F 271 5.75 48.02 2.85
N ASN F 272 4.80 47.93 1.93
CA ASN F 272 5.08 47.70 0.51
C ASN F 272 4.97 49.03 -0.23
N ASP F 273 6.12 49.56 -0.63
CA ASP F 273 6.19 50.77 -1.45
C ASP F 273 6.75 50.43 -2.82
N ASN F 274 6.68 51.41 -3.73
CA ASN F 274 7.17 51.24 -5.10
C ASN F 274 6.44 50.07 -5.77
N MET F 275 5.14 50.27 -5.97
CA MET F 275 4.29 49.25 -6.56
C MET F 275 4.96 48.53 -7.73
N GLY F 276 5.61 49.29 -8.61
CA GLY F 276 6.34 48.71 -9.73
C GLY F 276 7.68 48.16 -9.30
N PHE F 277 7.82 47.86 -8.01
CA PHE F 277 9.05 47.36 -7.44
C PHE F 277 8.86 46.10 -6.59
N TRP F 278 7.63 45.78 -6.20
CA TRP F 278 7.33 44.59 -5.40
C TRP F 278 7.05 43.36 -6.27
N TRP F 279 6.99 43.52 -7.59
CA TRP F 279 6.72 42.37 -8.46
C TRP F 279 7.79 41.30 -8.32
N ILE F 280 9.02 41.68 -7.96
CA ILE F 280 10.09 40.71 -7.85
C ILE F 280 9.76 39.64 -6.81
N LEU F 281 8.77 39.90 -5.94
CA LEU F 281 8.36 38.94 -4.95
C LEU F 281 7.04 38.24 -5.27
N ARG F 282 6.17 38.87 -6.07
CA ARG F 282 4.93 38.25 -6.51
C ARG F 282 5.09 37.45 -7.78
N PHE F 283 6.24 37.55 -8.47
CA PHE F 283 6.42 36.79 -9.69
C PHE F 283 6.32 35.29 -9.46
N PRO F 284 7.02 34.71 -8.47
CA PRO F 284 6.85 33.28 -8.23
C PRO F 284 5.43 32.89 -7.90
N VAL F 285 4.69 33.74 -7.19
CA VAL F 285 3.31 33.42 -6.85
C VAL F 285 2.46 33.30 -8.11
N PHE F 286 2.59 34.27 -9.01
CA PHE F 286 1.85 34.20 -10.27
C PHE F 286 2.29 33.01 -11.11
N LEU F 287 3.60 32.77 -11.18
CA LEU F 287 4.10 31.62 -11.94
C LEU F 287 3.65 30.32 -11.30
N ALA F 288 3.66 30.25 -9.98
CA ALA F 288 3.30 29.05 -9.24
C ALA F 288 1.80 28.87 -9.11
N ILE F 289 1.00 29.74 -9.71
CA ILE F 289 -0.45 29.58 -9.70
C ILE F 289 -1.03 29.38 -11.10
N LEU F 290 -0.29 29.73 -12.16
CA LEU F 290 -0.75 29.48 -13.51
C LEU F 290 -0.34 28.11 -14.02
N ILE F 291 0.91 27.71 -13.77
CA ILE F 291 1.41 26.42 -14.24
C ILE F 291 0.98 25.27 -13.34
N ASN F 292 0.33 25.55 -12.21
CA ASN F 292 -0.31 24.50 -11.41
C ASN F 292 -1.82 24.51 -11.60
N PHE F 293 -2.38 25.58 -12.18
CA PHE F 293 -3.77 25.60 -12.58
C PHE F 293 -3.99 25.01 -13.97
N PHE F 294 -3.03 25.20 -14.88
CA PHE F 294 -3.12 24.53 -16.18
C PHE F 294 -3.12 23.02 -16.02
N ILE F 295 -2.25 22.51 -15.14
CA ILE F 295 -2.26 21.08 -14.86
C ILE F 295 -3.54 20.67 -14.16
N PHE F 296 -4.16 21.55 -13.38
CA PHE F 296 -5.37 21.20 -12.67
C PHE F 296 -6.42 20.90 -13.71
N VAL F 297 -6.59 21.81 -14.66
CA VAL F 297 -7.58 21.57 -15.71
C VAL F 297 -7.21 20.39 -16.59
N ARG F 298 -5.95 19.97 -16.57
CA ARG F 298 -5.54 18.77 -17.30
C ARG F 298 -5.75 17.51 -16.49
N ILE F 299 -5.57 17.56 -15.17
CA ILE F 299 -5.87 16.41 -14.33
C ILE F 299 -7.36 16.15 -14.30
N VAL F 300 -8.17 17.20 -14.28
CA VAL F 300 -9.62 17.03 -14.30
C VAL F 300 -10.07 16.40 -15.61
N GLN F 301 -9.48 16.82 -16.72
CA GLN F 301 -9.83 16.23 -18.01
C GLN F 301 -9.51 14.74 -18.03
N LEU F 302 -8.34 14.35 -17.52
CA LEU F 302 -8.00 12.94 -17.44
C LEU F 302 -8.97 12.19 -16.53
N LEU F 303 -9.30 12.78 -15.38
CA LEU F 303 -10.20 12.12 -14.44
C LEU F 303 -11.59 11.90 -15.05
N VAL F 304 -12.11 12.89 -15.77
CA VAL F 304 -13.38 12.72 -16.44
C VAL F 304 -13.28 11.70 -17.58
N ALA F 305 -12.14 11.67 -18.28
CA ALA F 305 -11.95 10.66 -19.31
C ALA F 305 -11.89 9.25 -18.75
N LYS F 306 -11.31 9.07 -17.57
CA LYS F 306 -11.29 7.77 -16.91
C LYS F 306 -12.64 7.39 -16.33
N LEU F 307 -13.58 8.34 -16.21
CA LEU F 307 -14.89 8.06 -15.65
C LEU F 307 -15.93 7.69 -16.69
N ARG F 308 -15.89 8.33 -17.87
CA ARG F 308 -16.83 7.98 -18.93
C ARG F 308 -16.25 6.92 -19.85
N ALA F 309 -15.70 5.87 -19.24
CA ALA F 309 -15.22 4.69 -19.96
C ALA F 309 -15.93 3.43 -19.50
N ARG F 310 -16.04 3.23 -18.20
CA ARG F 310 -16.73 2.08 -17.63
C ARG F 310 -17.48 2.57 -16.40
N GLN F 311 -17.95 1.61 -15.58
CA GLN F 311 -18.67 1.95 -14.35
C GLN F 311 -20.03 2.59 -14.66
N MET F 312 -20.71 2.05 -15.67
CA MET F 312 -22.00 2.56 -16.10
C MET F 312 -23.16 2.06 -15.25
N HIS F 313 -22.91 1.17 -14.30
CA HIS F 313 -23.97 0.71 -13.42
C HIS F 313 -24.57 1.85 -12.62
N HIS F 314 -23.73 2.74 -12.10
CA HIS F 314 -24.18 3.91 -11.35
C HIS F 314 -24.45 5.07 -12.32
N THR F 315 -25.52 4.90 -13.09
CA THR F 315 -25.90 5.92 -14.05
C THR F 315 -26.16 7.25 -13.36
N ASP F 316 -25.64 8.32 -13.93
CA ASP F 316 -25.74 9.68 -13.40
C ASP F 316 -24.95 9.87 -12.11
N TYR F 317 -24.24 8.85 -11.66
CA TYR F 317 -23.40 8.95 -10.46
C TYR F 317 -22.02 9.51 -10.76
N LYS F 318 -21.69 9.74 -12.04
CA LYS F 318 -20.39 10.30 -12.38
C LYS F 318 -20.22 11.71 -11.81
N PHE F 319 -21.30 12.51 -11.82
CA PHE F 319 -21.20 13.89 -11.34
C PHE F 319 -20.80 13.93 -9.87
N ARG F 320 -21.41 13.07 -9.04
CA ARG F 320 -21.09 13.10 -7.62
C ARG F 320 -19.63 12.73 -7.37
N LEU F 321 -19.12 11.71 -8.06
CA LEU F 321 -17.72 11.31 -7.89
C LEU F 321 -16.76 12.25 -8.59
N ALA F 322 -17.16 12.90 -9.68
CA ALA F 322 -16.26 13.84 -10.33
C ALA F 322 -16.27 15.16 -9.63
N LYS F 323 -16.75 15.19 -8.40
CA LYS F 323 -16.83 16.45 -7.68
C LYS F 323 -16.04 16.37 -6.41
N SER F 324 -16.41 15.46 -5.53
CA SER F 324 -15.67 15.29 -4.30
C SER F 324 -14.20 15.36 -4.61
N THR F 325 -13.79 14.67 -5.66
CA THR F 325 -12.39 14.60 -5.98
C THR F 325 -11.99 15.88 -6.68
N LEU F 326 -12.89 16.43 -7.49
CA LEU F 326 -12.61 17.70 -8.14
C LEU F 326 -12.42 18.78 -7.10
N THR F 327 -12.81 18.51 -5.86
CA THR F 327 -12.64 19.47 -4.80
C THR F 327 -11.45 19.09 -3.94
N LEU F 328 -11.09 17.82 -3.97
CA LEU F 328 -9.93 17.36 -3.20
C LEU F 328 -8.65 17.94 -3.76
N ILE F 329 -8.74 18.66 -4.86
CA ILE F 329 -7.52 19.15 -5.49
C ILE F 329 -7.35 20.67 -5.42
N PRO F 330 -8.45 21.46 -5.38
CA PRO F 330 -8.22 22.90 -5.24
C PRO F 330 -7.30 23.29 -4.09
N LEU F 331 -6.80 22.32 -3.34
CA LEU F 331 -5.86 22.60 -2.27
C LEU F 331 -4.71 23.44 -2.80
N LEU F 332 -4.65 23.66 -4.11
CA LEU F 332 -3.58 24.46 -4.71
C LEU F 332 -4.10 25.60 -5.58
N GLY F 333 -4.72 25.25 -6.71
CA GLY F 333 -5.22 26.26 -7.64
C GLY F 333 -6.32 27.11 -7.09
N VAL F 334 -6.36 27.26 -5.78
CA VAL F 334 -7.35 28.13 -5.16
C VAL F 334 -6.96 29.58 -5.38
N HIS F 335 -7.86 30.50 -5.04
CA HIS F 335 -7.64 31.93 -5.16
C HIS F 335 -7.08 32.29 -6.53
N GLU F 336 -7.87 31.97 -7.55
CA GLU F 336 -7.57 32.34 -8.92
C GLU F 336 -8.48 33.43 -9.47
N VAL F 337 -9.71 33.54 -8.96
CA VAL F 337 -10.64 34.54 -9.47
C VAL F 337 -10.13 35.94 -9.16
N VAL F 338 -9.66 36.17 -7.94
CA VAL F 338 -9.26 37.49 -7.48
C VAL F 338 -7.74 37.64 -7.49
N PHE F 339 -7.04 36.84 -8.31
CA PHE F 339 -5.58 36.92 -8.38
C PHE F 339 -5.03 37.11 -9.78
N ALA F 340 -5.76 36.72 -10.83
CA ALA F 340 -5.26 36.84 -12.19
C ALA F 340 -5.31 38.27 -12.71
N PHE F 341 -6.34 39.03 -12.33
CA PHE F 341 -6.52 40.40 -12.80
C PHE F 341 -6.41 41.43 -11.69
N VAL F 342 -7.19 41.26 -10.62
CA VAL F 342 -7.19 42.25 -9.53
C VAL F 342 -5.91 42.07 -8.73
N THR F 343 -5.03 43.06 -8.79
CA THR F 343 -3.77 43.05 -8.07
C THR F 343 -3.78 44.17 -7.03
N ASP F 344 -2.65 44.34 -6.34
CA ASP F 344 -2.55 45.39 -5.33
C ASP F 344 -2.79 46.76 -5.96
N GLU F 345 -2.19 47.00 -7.13
CA GLU F 345 -2.44 48.25 -7.84
C GLU F 345 -3.81 48.25 -8.49
N HIS F 346 -4.35 49.44 -8.71
CA HIS F 346 -5.65 49.64 -9.33
C HIS F 346 -6.68 48.65 -8.79
N ALA F 347 -6.76 48.58 -7.46
CA ALA F 347 -7.76 47.75 -6.80
C ALA F 347 -7.94 48.31 -5.38
N GLN F 348 -9.10 48.91 -5.11
CA GLN F 348 -9.35 49.54 -3.83
C GLN F 348 -10.83 49.42 -3.50
N GLY F 349 -11.18 49.88 -2.30
CA GLY F 349 -12.58 49.91 -1.89
C GLY F 349 -13.13 48.53 -1.58
N THR F 350 -14.41 48.36 -1.89
CA THR F 350 -15.09 47.10 -1.57
C THR F 350 -14.45 45.94 -2.29
N LEU F 351 -14.03 46.13 -3.55
CA LEU F 351 -13.39 45.05 -4.29
C LEU F 351 -12.10 44.61 -3.61
N ARG F 352 -11.27 45.57 -3.20
CA ARG F 352 -10.02 45.23 -2.52
C ARG F 352 -10.29 44.53 -1.19
N SER F 353 -11.26 45.02 -0.43
CA SER F 353 -11.59 44.40 0.84
C SER F 353 -12.06 42.96 0.64
N ALA F 354 -12.92 42.74 -0.35
CA ALA F 354 -13.41 41.39 -0.61
C ALA F 354 -12.28 40.47 -1.07
N LYS F 355 -11.38 40.97 -1.92
CA LYS F 355 -10.25 40.17 -2.36
C LYS F 355 -9.39 39.76 -1.19
N LEU F 356 -9.07 40.72 -0.31
CA LEU F 356 -8.26 40.40 0.86
C LEU F 356 -8.97 39.38 1.75
N PHE F 357 -10.27 39.58 1.99
CA PHE F 357 -11.01 38.65 2.84
C PHE F 357 -10.97 37.24 2.27
N PHE F 358 -11.37 37.11 1.02
CA PHE F 358 -11.40 35.81 0.38
C PHE F 358 -10.09 35.10 0.54
N ASP F 359 -9.11 35.50 -0.25
CA ASP F 359 -7.83 34.84 -0.20
C ASP F 359 -7.40 34.52 1.21
N LEU F 360 -7.32 35.53 2.06
CA LEU F 360 -6.83 35.30 3.41
C LEU F 360 -7.57 34.14 4.05
N PHE F 361 -8.88 34.20 4.09
CA PHE F 361 -9.64 33.07 4.63
C PHE F 361 -9.19 31.77 4.00
N LEU F 362 -9.12 31.73 2.67
CA LEU F 362 -8.76 30.50 1.98
C LEU F 362 -7.33 30.07 2.31
N SER F 363 -6.40 31.02 2.34
CA SER F 363 -5.01 30.68 2.66
C SER F 363 -4.84 30.23 4.10
N SER F 364 -5.59 30.81 5.03
CA SER F 364 -5.49 30.41 6.42
C SER F 364 -6.07 29.03 6.66
N PHE F 365 -7.16 28.67 5.97
CA PHE F 365 -7.75 27.36 6.18
C PHE F 365 -7.23 26.30 5.21
N GLN F 366 -6.39 26.67 4.25
CA GLN F 366 -5.85 25.69 3.30
C GLN F 366 -5.02 24.63 4.00
N GLY F 367 -4.18 25.05 4.96
CA GLY F 367 -3.35 24.08 5.67
C GLY F 367 -4.18 23.05 6.39
N LEU F 368 -5.20 23.51 7.12
CA LEU F 368 -6.08 22.58 7.84
C LEU F 368 -6.82 21.67 6.87
N LEU F 369 -7.32 22.22 5.76
CA LEU F 369 -8.02 21.40 4.79
C LEU F 369 -7.11 20.32 4.22
N VAL F 370 -5.88 20.69 3.87
CA VAL F 370 -4.94 19.72 3.30
C VAL F 370 -4.61 18.64 4.32
N ALA F 371 -4.34 19.05 5.56
CA ALA F 371 -4.03 18.07 6.60
C ALA F 371 -5.18 17.10 6.80
N VAL F 372 -6.41 17.61 6.87
CA VAL F 372 -7.56 16.74 7.06
C VAL F 372 -7.73 15.80 5.88
N LEU F 373 -7.57 16.32 4.67
CA LEU F 373 -7.85 15.52 3.48
C LEU F 373 -6.75 14.52 3.14
N TYR F 374 -5.53 14.70 3.66
CA TYR F 374 -4.43 13.84 3.29
C TYR F 374 -3.76 13.13 4.46
N CYS F 375 -4.21 13.34 5.69
CA CYS F 375 -3.68 12.60 6.82
C CYS F 375 -4.74 12.12 7.80
N PHE F 376 -6.02 12.47 7.59
CA PHE F 376 -7.09 12.03 8.47
C PHE F 376 -8.21 11.32 7.75
N LEU F 377 -8.44 11.62 6.47
CA LEU F 377 -9.48 10.95 5.70
C LEU F 377 -8.92 9.97 4.67
N ASN F 378 -7.60 9.90 4.61
CA ASN F 378 -6.94 9.00 3.67
C ASN F 378 -7.16 7.59 4.13
N LYS F 379 -7.80 6.78 3.29
CA LYS F 379 -8.13 5.42 3.67
C LYS F 379 -6.92 4.66 4.16
N GLU F 380 -5.82 4.74 3.45
CA GLU F 380 -4.63 4.02 3.83
C GLU F 380 -4.20 4.40 5.23
N VAL F 381 -4.06 5.69 5.48
CA VAL F 381 -3.56 6.12 6.77
C VAL F 381 -4.54 5.79 7.88
N GLN F 382 -5.84 5.80 7.57
CA GLN F 382 -6.81 5.43 8.56
C GLN F 382 -6.64 3.97 8.88
N SER F 383 -6.59 3.13 7.85
CA SER F 383 -6.48 1.70 8.06
C SER F 383 -5.22 1.35 8.82
N GLU F 384 -4.10 1.89 8.40
CA GLU F 384 -2.84 1.56 9.04
C GLU F 384 -2.94 1.94 10.49
N LEU F 385 -3.64 3.02 10.76
CA LEU F 385 -3.76 3.49 12.14
C LEU F 385 -4.70 2.61 12.93
N ARG F 386 -5.81 2.20 12.33
CA ARG F 386 -6.73 1.29 13.01
C ARG F 386 -6.05 -0.04 13.34
N ARG F 387 -5.28 -0.57 12.39
CA ARG F 387 -4.55 -1.82 12.64
C ARG F 387 -3.57 -1.64 13.78
N ARG F 388 -2.82 -0.54 13.78
CA ARG F 388 -1.85 -0.30 14.85
C ARG F 388 -2.53 -0.20 16.20
N TRP F 389 -3.65 0.53 16.27
CA TRP F 389 -4.36 0.67 17.54
C TRP F 389 -4.91 -0.67 18.00
N HIS F 390 -5.46 -1.46 17.08
CA HIS F 390 -5.96 -2.78 17.44
C HIS F 390 -4.85 -3.68 17.96
N ARG F 391 -3.68 -3.61 17.34
CA ARG F 391 -2.54 -4.40 17.81
C ARG F 391 -2.17 -3.96 19.21
N TRP F 392 -2.07 -2.66 19.42
CA TRP F 392 -1.67 -2.16 20.74
C TRP F 392 -2.73 -2.39 21.80
N ARG F 393 -3.97 -2.65 21.39
CA ARG F 393 -5.06 -2.78 22.36
C ARG F 393 -4.82 -3.94 23.31
N LEU F 394 -4.35 -5.07 22.80
CA LEU F 394 -4.12 -6.24 23.64
C LEU F 394 -3.10 -5.98 24.74
N GLY F 395 -2.21 -5.00 24.55
CA GLY F 395 -1.21 -4.69 25.55
C GLY F 395 -1.70 -3.69 26.59
O01 D6M G . -5.34 40.70 15.94
C02 D6M G . -6.29 41.17 16.55
N03 D6M G . -6.55 42.48 16.62
C04 D6M G . -5.67 43.46 16.01
C05 D6M G . -6.16 44.90 16.05
C06 D6M G . -4.98 45.84 15.77
C07 D6M G . -5.15 46.61 14.41
O08 D6M G . -5.88 47.63 14.91
C09 D6M G . -4.36 43.41 16.73
O10 D6M G . -4.36 43.55 17.97
O11 D6M G . -3.34 43.19 16.05
C12 D6M G . -7.24 40.26 17.28
C13 D6M G . -6.96 38.78 17.05
C14 D6M G . -5.80 38.24 17.89
C15 D6M G . -5.66 36.73 17.70
C16 D6M G . -6.37 35.97 18.81
C17 D6M G . -6.27 34.46 18.61
C18 D6M G . -7.32 33.88 17.66
C19 D6M G . -8.32 32.96 18.34
C20 D6M G . -7.95 31.48 18.25
C21 D6M G . -6.68 31.11 19.03
C22 D6M G . -6.37 29.63 19.18
C23 D6M G . -7.50 28.63 18.96
C24 D6M G . -6.93 27.22 18.97
C25 D6M G . -8.05 26.18 19.13
C26 D6M G . -7.54 24.78 18.91
H03 D6M G . -7.35 42.81 17.14
H121 D6M G . -7.19 40.49 18.36
H122 D6M G . -8.26 40.49 16.95
H04 D6M G . -5.52 43.19 14.96
H051 D6M G . -6.58 45.13 17.03
H131 D6M G . -6.81 38.58 15.98
H132 D6M G . -7.86 38.23 17.33
H141 D6M G . -4.86 38.70 17.59
H142 D6M G . -5.96 38.47 18.94
H151 D6M G . -4.61 36.48 17.70
H152 D6M G . -6.08 36.43 16.73
H161 D6M G . -7.41 36.27 18.89
H162 D6M G . -5.90 36.19 19.77
H171 D6M G . -6.31 33.99 19.59
H172 D6M G . -5.28 34.21 18.21
H181 D6M G . -7.87 34.69 17.17
H182 D6M G . -6.81 33.35 16.86
H191 D6M G . -9.29 33.11 17.87
H192 D6M G . -8.47 33.25 19.39
H201 D6M G . -7.83 31.19 17.21
H202 D6M G . -8.79 30.91 18.66
H211 D6M G . -6.75 31.54 20.02
H212 D6M G . -5.83 31.59 18.53
H221 D6M G . -5.98 29.48 20.19
H222 D6M G . -5.56 29.38 18.50
H231 D6M G . -7.96 28.75 17.98
H232 D6M G . -8.27 28.74 19.73
H241 D6M G . -6.22 27.10 19.80
H242 D6M G . -6.41 27.03 18.04
H251 D6M G . -8.85 26.40 18.43
H252 D6M G . -8.46 26.26 20.14
H261 D6M G . -7.16 24.69 17.93
H262 D6M G . -6.77 24.57 19.60
H263 D6M G . -8.33 24.09 19.04
#